data_9UZD
#
_entry.id   9UZD
#
_cell.length_a   37.189
_cell.length_b   80.332
_cell.length_c   116.262
_cell.angle_alpha   90.00
_cell.angle_beta   97.74
_cell.angle_gamma   90.00
#
_symmetry.space_group_name_H-M   'P 1 21 1'
#
loop_
_entity.id
_entity.type
_entity.pdbx_description
1 polymer 'RNA-directed RNA polymerase L'
2 polymer 'mAb 2E9 Fab heavy chain'
3 polymer 'mAb 2E9 Fab light chain'
4 non-polymer 'MANGANESE (II) ION'
5 water water
#
loop_
_entity_poly.entity_id
_entity_poly.type
_entity_poly.pdbx_seq_one_letter_code
_entity_poly.pdbx_strand_id
1 'polypeptide(L)'
;GPLGSKKPIALICAELYKPFQDLFAALPKDCSEECQTLFEDIRNSESHASAWSSALRIKGVAYAGFFSLTNSWRYIPEDL
KPTLGMAIQTVFPDKFEKFLERTHLHPEYRDFTPDYLMCRSRIFKSDRLNRSNVAVSRGKDKGGKKKETTVNKDQDDDAQ
SAVLLSHKKRFPMPEIAVQEVSSVSAVVDRFKSKSSEKGRPIRQEESRPKTESMQEDIEVDELLIVEVGYQTDIEGKVIS
DIEKWKGVVNLMSHLGIKVNVLTCADNSQTPRTDWWIDEKYVRLLLNSISYLFKELLENS
;
A
2 'polypeptide(L)'
;EVKLEESGGGLVRPGGSRKLSCAASGFTFSSYGMQWVRQAPEKGLEWVAYISSGSRTIYYADTVKGRFTISRDNPKNTLF
LQMTSLRSEDTAMYYCATGYGGTWFAYWGQGTLVTVSAASTKGPSVFPLAPSSKSTSGGTAALGCLVKDYFPEPVTVSWN
SGALTSGVHTFPAVLQSSGLYSLSSVVTVPSSSLGTQTYICNVNHKPSNTKVDKKVEPKSCDKTHHHHHH
;
H
3 'polypeptide(L)'
;QIVLSQSPLSLPVSLGDQASISCRSSQSLLHSNGNTYLHWYLQKPGQSPKLLIYKVSNRFSGVPDRFSGSGSGTDFTLKI
SRVEAEDLGVYFCSQSTHVPYTFGGGTKLEIKRTVAAPSVFIFPPSDEQLKSGTASVVCLLNNFYPREAKVQWKVDNALQ
SGNSQESVTEQDSKDSTYSLSSTLTLSKADYEKHKVYACEVTHQGLSSPVTKSFNRGEC
;
L
#
loop_
_chem_comp.id
_chem_comp.type
_chem_comp.name
_chem_comp.formula
MN non-polymer 'MANGANESE (II) ION' 'Mn 2'
#
# COMPACT_ATOMS: atom_id res chain seq x y z
N LYS A 7 21.33 -9.73 -65.19
CA LYS A 7 21.64 -11.17 -64.99
C LYS A 7 20.32 -11.93 -64.88
N PRO A 8 20.22 -13.14 -65.46
CA PRO A 8 18.98 -13.90 -65.45
C PRO A 8 18.64 -14.46 -64.06
N ILE A 9 17.35 -14.46 -63.71
CA ILE A 9 16.92 -14.92 -62.36
C ILE A 9 17.61 -16.26 -62.07
N ALA A 10 17.64 -17.15 -63.07
CA ALA A 10 18.20 -18.46 -62.82
C ALA A 10 19.71 -18.43 -62.62
N LEU A 11 20.38 -17.35 -63.02
CA LEU A 11 21.79 -17.16 -62.71
C LEU A 11 22.01 -16.48 -61.37
N ILE A 12 20.99 -15.80 -60.84
CA ILE A 12 21.13 -15.22 -59.47
C ILE A 12 21.04 -16.37 -58.47
N CYS A 13 20.05 -17.25 -58.64
CA CYS A 13 19.89 -18.43 -57.77
C CYS A 13 21.19 -19.25 -57.74
N ALA A 14 21.81 -19.46 -58.90
CA ALA A 14 23.04 -20.24 -58.93
C ALA A 14 24.17 -19.53 -58.20
N GLU A 15 24.27 -18.20 -58.37
CA GLU A 15 25.29 -17.45 -57.65
C GLU A 15 25.08 -17.51 -56.14
N LEU A 16 23.86 -17.80 -55.69
CA LEU A 16 23.54 -17.83 -54.27
C LEU A 16 22.90 -19.16 -53.89
N TYR A 17 23.38 -20.26 -54.49
CA TYR A 17 22.91 -21.58 -54.08
C TYR A 17 23.53 -21.98 -52.74
N LYS A 18 24.83 -21.75 -52.57
CA LYS A 18 25.46 -22.06 -51.29
C LYS A 18 24.94 -21.20 -50.16
N PRO A 19 24.87 -19.87 -50.26
CA PRO A 19 24.31 -19.10 -49.13
C PRO A 19 22.86 -19.46 -48.81
N PHE A 20 22.09 -19.97 -49.77
CA PHE A 20 20.73 -20.39 -49.48
C PHE A 20 20.64 -21.82 -48.96
N GLN A 21 21.69 -22.63 -49.18
CA GLN A 21 21.76 -23.95 -48.55
C GLN A 21 22.15 -23.82 -47.10
N ASP A 22 23.16 -22.97 -46.79
CA ASP A 22 23.47 -22.66 -45.40
C ASP A 22 22.23 -22.15 -44.66
N LEU A 23 21.39 -21.38 -45.36
CA LEU A 23 20.14 -20.90 -44.77
C LEU A 23 19.19 -22.05 -44.49
N PHE A 24 18.81 -22.79 -45.54
CA PHE A 24 17.84 -23.87 -45.39
C PHE A 24 18.32 -24.94 -44.41
N ALA A 25 19.64 -25.07 -44.21
CA ALA A 25 20.17 -26.07 -43.29
C ALA A 25 19.93 -25.72 -41.84
N ALA A 26 19.68 -24.44 -41.54
CA ALA A 26 19.50 -23.99 -40.16
C ALA A 26 18.05 -23.72 -39.81
N LEU A 27 17.13 -23.87 -40.75
CA LEU A 27 15.75 -23.55 -40.43
C LEU A 27 15.03 -24.79 -39.87
N PRO A 28 14.07 -24.58 -38.96
CA PRO A 28 13.17 -25.68 -38.57
C PRO A 28 12.67 -26.46 -39.78
N LYS A 29 12.39 -27.75 -39.59
CA LYS A 29 12.09 -28.64 -40.71
C LYS A 29 10.99 -28.08 -41.60
N ASP A 30 9.85 -27.71 -40.99
CA ASP A 30 8.73 -27.20 -41.78
C ASP A 30 9.07 -25.85 -42.41
N CYS A 31 9.92 -25.05 -41.75
CA CYS A 31 10.29 -23.74 -42.30
C CYS A 31 11.19 -23.88 -43.52
N SER A 32 12.28 -24.66 -43.39
CA SER A 32 13.22 -24.81 -44.50
C SER A 32 12.57 -25.44 -45.72
N GLU A 33 11.61 -26.35 -45.51
CA GLU A 33 10.86 -26.92 -46.62
C GLU A 33 10.06 -25.85 -47.37
N GLU A 34 9.49 -24.91 -46.62
CA GLU A 34 8.79 -23.79 -47.23
C GLU A 34 9.76 -22.87 -47.97
N CYS A 35 10.84 -22.48 -47.31
CA CYS A 35 11.83 -21.62 -47.94
C CYS A 35 12.46 -22.27 -49.16
N GLN A 36 12.48 -23.61 -49.19
CA GLN A 36 13.01 -24.33 -50.33
C GLN A 36 12.05 -24.28 -51.52
N THR A 37 10.76 -24.53 -51.26
CA THR A 37 9.75 -24.45 -52.33
C THR A 37 9.74 -23.06 -52.95
N LEU A 38 9.87 -22.02 -52.13
CA LEU A 38 9.84 -20.66 -52.64
C LEU A 38 11.10 -20.34 -53.45
N PHE A 39 12.23 -20.93 -53.09
CA PHE A 39 13.46 -20.57 -53.83
C PHE A 39 13.33 -21.14 -55.26
N GLU A 40 12.69 -22.29 -55.38
CA GLU A 40 12.49 -22.93 -56.71
C GLU A 40 11.59 -22.03 -57.55
N ASP A 41 10.48 -21.60 -56.97
CA ASP A 41 9.58 -20.66 -57.69
C ASP A 41 10.43 -19.47 -58.16
N ILE A 42 11.38 -19.01 -57.34
CA ILE A 42 12.17 -17.86 -57.76
C ILE A 42 13.11 -18.24 -58.91
N ARG A 43 13.64 -19.45 -58.86
CA ARG A 43 14.48 -19.93 -59.98
C ARG A 43 13.64 -19.95 -61.26
N ASN A 44 12.42 -20.48 -61.18
CA ASN A 44 11.57 -20.61 -62.39
C ASN A 44 10.63 -19.40 -62.48
N SER A 45 11.10 -18.23 -62.06
CA SER A 45 10.26 -17.04 -62.09
C SER A 45 10.23 -16.43 -63.49
N GLU A 46 9.03 -16.25 -64.05
CA GLU A 46 8.90 -15.73 -65.43
C GLU A 46 8.85 -14.20 -65.44
N SER A 47 8.88 -13.55 -64.28
CA SER A 47 8.75 -12.07 -64.21
C SER A 47 9.46 -11.55 -62.96
N HIS A 48 10.07 -10.37 -63.04
CA HIS A 48 10.69 -9.83 -61.83
C HIS A 48 9.64 -9.56 -60.75
N ALA A 49 8.37 -9.46 -61.13
CA ALA A 49 7.30 -9.29 -60.15
C ALA A 49 7.14 -10.54 -59.29
N SER A 50 6.82 -11.68 -59.90
CA SER A 50 6.55 -12.89 -59.14
C SER A 50 7.74 -13.33 -58.29
N ALA A 51 8.96 -13.06 -58.76
CA ALA A 51 10.16 -13.43 -58.01
C ALA A 51 10.31 -12.58 -56.74
N TRP A 52 10.12 -11.27 -56.87
CA TRP A 52 10.03 -10.40 -55.70
C TRP A 52 9.01 -10.94 -54.69
N SER A 53 7.77 -11.18 -55.15
CA SER A 53 6.72 -11.71 -54.28
C SER A 53 7.15 -13.01 -53.60
N SER A 54 7.86 -13.88 -54.31
CA SER A 54 8.42 -15.07 -53.68
C SER A 54 9.53 -14.70 -52.69
N ALA A 55 10.37 -13.75 -53.05
CA ALA A 55 11.49 -13.41 -52.14
C ALA A 55 10.92 -12.78 -50.87
N LEU A 56 9.91 -11.94 -51.02
CA LEU A 56 9.27 -11.30 -49.85
C LEU A 56 8.85 -12.41 -48.86
N ARG A 57 8.22 -13.46 -49.37
CA ARG A 57 7.69 -14.51 -48.46
C ARG A 57 8.86 -15.27 -47.83
N ILE A 58 9.97 -15.44 -48.55
CA ILE A 58 11.09 -16.10 -47.90
C ILE A 58 11.61 -15.23 -46.75
N LYS A 59 11.72 -13.92 -46.99
CA LYS A 59 12.24 -13.01 -45.97
C LYS A 59 11.51 -13.20 -44.64
N GLY A 60 10.18 -13.17 -44.70
CA GLY A 60 9.41 -13.25 -43.47
C GLY A 60 9.40 -14.65 -42.88
N VAL A 61 9.25 -15.66 -43.73
CA VAL A 61 9.21 -17.04 -43.24
C VAL A 61 10.54 -17.43 -42.60
N ALA A 62 11.66 -17.11 -43.28
CA ALA A 62 12.97 -17.46 -42.73
C ALA A 62 13.25 -16.70 -41.43
N TYR A 63 12.78 -15.45 -41.31
CA TYR A 63 12.97 -14.74 -40.05
C TYR A 63 12.15 -15.40 -38.94
N ALA A 64 10.89 -15.75 -39.21
CA ALA A 64 10.05 -16.35 -38.19
C ALA A 64 10.62 -17.68 -37.70
N GLY A 65 11.30 -18.41 -38.59
CA GLY A 65 11.94 -19.65 -38.15
C GLY A 65 13.14 -19.39 -37.26
N PHE A 66 13.96 -18.39 -37.61
CA PHE A 66 15.08 -18.00 -36.75
C PHE A 66 14.59 -17.34 -35.47
N PHE A 67 13.39 -16.78 -35.48
CA PHE A 67 12.79 -16.29 -34.25
C PHE A 67 12.37 -17.43 -33.34
N SER A 68 11.75 -18.47 -33.91
CA SER A 68 11.45 -19.65 -33.12
C SER A 68 12.73 -20.27 -32.56
N LEU A 69 13.80 -20.27 -33.35
CA LEU A 69 15.04 -20.89 -32.89
C LEU A 69 15.65 -20.12 -31.71
N THR A 70 15.83 -18.82 -31.87
CA THR A 70 16.47 -18.04 -30.82
C THR A 70 15.72 -18.15 -29.50
N ASN A 71 14.39 -18.18 -29.56
CA ASN A 71 13.56 -18.18 -28.36
C ASN A 71 13.17 -19.59 -27.92
N SER A 72 13.68 -20.63 -28.60
CA SER A 72 13.37 -22.01 -28.27
C SER A 72 11.88 -22.28 -28.27
N TRP A 73 11.19 -21.65 -29.22
CA TRP A 73 9.73 -21.87 -29.36
C TRP A 73 9.50 -22.82 -30.53
N ARG A 74 8.25 -23.01 -30.91
CA ARG A 74 7.96 -23.91 -32.07
C ARG A 74 7.60 -23.07 -33.30
N TYR A 75 8.21 -23.40 -34.43
CA TYR A 75 7.80 -22.73 -35.69
C TYR A 75 6.56 -23.43 -36.19
N ILE A 76 5.47 -22.70 -36.34
CA ILE A 76 4.24 -23.31 -36.90
C ILE A 76 3.90 -22.59 -38.21
N PRO A 77 4.08 -23.24 -39.38
CA PRO A 77 3.68 -22.63 -40.64
C PRO A 77 2.36 -21.86 -40.52
N GLU A 78 2.33 -20.64 -41.06
CA GLU A 78 1.10 -19.79 -41.02
C GLU A 78 -0.17 -20.64 -41.01
N ASP A 79 -0.41 -21.43 -42.05
CA ASP A 79 -1.69 -22.16 -42.16
C ASP A 79 -1.98 -22.92 -40.85
N LEU A 80 -0.97 -23.50 -40.22
CA LEU A 80 -1.16 -24.25 -38.99
C LEU A 80 -1.16 -23.37 -37.74
N LYS A 81 -1.33 -22.03 -37.88
CA LYS A 81 -1.27 -21.13 -36.72
C LYS A 81 -2.66 -20.89 -36.15
N PRO A 82 -2.77 -20.83 -34.84
CA PRO A 82 -4.09 -20.66 -34.21
C PRO A 82 -4.56 -19.21 -34.28
N THR A 83 -5.89 -19.06 -34.37
CA THR A 83 -6.52 -17.75 -34.28
C THR A 83 -6.85 -17.42 -32.83
N LEU A 84 -7.22 -16.16 -32.60
CA LEU A 84 -7.60 -15.72 -31.26
C LEU A 84 -8.80 -16.52 -30.74
N GLY A 85 -9.81 -16.70 -31.58
CA GLY A 85 -10.96 -17.49 -31.19
C GLY A 85 -10.60 -18.93 -30.85
N MET A 86 -9.67 -19.50 -31.61
CA MET A 86 -9.29 -20.88 -31.31
C MET A 86 -8.54 -20.98 -30.00
N ALA A 87 -7.81 -19.94 -29.62
CA ALA A 87 -7.02 -20.03 -28.37
C ALA A 87 -7.94 -19.93 -27.16
N ILE A 88 -8.96 -19.07 -27.23
CA ILE A 88 -9.92 -18.94 -26.10
C ILE A 88 -10.80 -20.18 -26.06
N GLN A 89 -11.34 -20.57 -27.20
CA GLN A 89 -12.18 -21.79 -27.26
C GLN A 89 -11.47 -22.86 -26.45
N THR A 90 -10.20 -23.10 -26.75
CA THR A 90 -9.51 -24.19 -26.10
C THR A 90 -8.98 -23.81 -24.72
N VAL A 91 -8.62 -22.55 -24.47
CA VAL A 91 -7.99 -22.23 -23.20
C VAL A 91 -8.98 -21.59 -22.23
N PHE A 92 -10.04 -20.95 -22.75
CA PHE A 92 -11.04 -20.34 -21.88
C PHE A 92 -12.46 -20.74 -22.31
N PRO A 93 -12.74 -22.04 -22.42
CA PRO A 93 -14.05 -22.47 -22.92
C PRO A 93 -15.22 -21.86 -22.17
N ASP A 94 -15.06 -21.59 -20.88
CA ASP A 94 -16.22 -21.07 -20.14
C ASP A 94 -16.53 -19.67 -20.64
N LYS A 95 -15.67 -19.09 -21.48
CA LYS A 95 -15.87 -17.68 -21.87
C LYS A 95 -15.95 -17.53 -23.39
N PHE A 96 -15.75 -18.62 -24.13
CA PHE A 96 -15.86 -18.57 -25.60
C PHE A 96 -17.26 -18.09 -25.98
N GLU A 97 -18.29 -18.58 -25.32
CA GLU A 97 -19.61 -18.12 -25.74
C GLU A 97 -19.76 -16.61 -25.55
N LYS A 98 -19.31 -16.09 -24.40
CA LYS A 98 -19.33 -14.65 -24.19
C LYS A 98 -18.32 -13.94 -25.08
N PHE A 99 -17.22 -14.61 -25.45
CA PHE A 99 -16.32 -14.07 -26.48
C PHE A 99 -17.10 -13.79 -27.75
N LEU A 100 -17.84 -14.79 -28.24
CA LEU A 100 -18.57 -14.62 -29.49
C LEU A 100 -19.62 -13.52 -29.39
N GLU A 101 -20.33 -13.43 -28.25
CA GLU A 101 -21.34 -12.40 -28.08
C GLU A 101 -20.75 -11.00 -28.12
N ARG A 102 -19.61 -10.79 -27.46
CA ARG A 102 -18.99 -9.47 -27.43
C ARG A 102 -18.24 -9.13 -28.72
N THR A 103 -18.12 -10.06 -29.66
CA THR A 103 -17.50 -9.81 -30.95
C THR A 103 -18.51 -9.84 -32.10
N HIS A 104 -19.73 -9.36 -31.89
CA HIS A 104 -20.73 -9.33 -32.99
C HIS A 104 -20.40 -8.23 -33.99
N LEU A 105 -19.98 -7.06 -33.50
CA LEU A 105 -19.70 -5.89 -34.39
C LEU A 105 -18.22 -5.87 -34.78
N HIS A 106 -17.45 -6.81 -34.25
CA HIS A 106 -16.03 -6.92 -34.65
C HIS A 106 -15.66 -8.39 -34.87
N PRO A 107 -16.44 -9.17 -35.65
CA PRO A 107 -16.16 -10.60 -35.85
C PRO A 107 -14.76 -10.90 -36.36
N GLU A 108 -14.09 -9.92 -37.00
CA GLU A 108 -12.74 -10.15 -37.51
C GLU A 108 -11.76 -10.48 -36.40
N TYR A 109 -12.05 -10.02 -35.17
CA TYR A 109 -11.19 -10.32 -34.03
C TYR A 109 -10.98 -11.82 -33.88
N ARG A 110 -12.02 -12.61 -34.13
CA ARG A 110 -11.94 -14.06 -33.95
C ARG A 110 -10.87 -14.68 -34.84
N ASP A 111 -10.60 -14.08 -36.00
CA ASP A 111 -9.69 -14.70 -36.95
C ASP A 111 -8.28 -14.15 -36.88
N PHE A 112 -8.03 -13.16 -36.01
CA PHE A 112 -6.68 -12.63 -35.80
C PHE A 112 -5.69 -13.76 -35.51
N THR A 113 -4.54 -13.71 -36.17
CA THR A 113 -3.58 -14.82 -36.16
C THR A 113 -2.16 -14.32 -35.97
N PRO A 114 -1.70 -14.21 -34.72
CA PRO A 114 -0.36 -13.68 -34.47
C PRO A 114 0.70 -14.69 -34.88
N ASP A 115 1.95 -14.23 -34.86
CA ASP A 115 3.06 -15.12 -35.15
C ASP A 115 3.26 -16.15 -34.05
N TYR A 116 2.86 -15.83 -32.82
CA TYR A 116 2.97 -16.76 -31.70
C TYR A 116 1.80 -16.51 -30.77
N LEU A 117 0.94 -17.51 -30.64
CA LEU A 117 -0.20 -17.49 -29.75
C LEU A 117 0.04 -18.56 -28.68
N MET A 118 0.63 -18.16 -27.57
CA MET A 118 1.03 -19.08 -26.53
C MET A 118 0.22 -18.81 -25.26
N CYS A 119 0.18 -19.82 -24.40
CA CYS A 119 -0.37 -19.71 -23.06
C CYS A 119 0.65 -20.24 -22.07
N ARG A 120 0.38 -19.99 -20.79
CA ARG A 120 1.28 -20.52 -19.74
C ARG A 120 0.83 -21.95 -19.42
N SER A 121 1.78 -22.84 -19.15
CA SER A 121 1.45 -24.23 -18.75
C SER A 121 0.29 -24.22 -17.75
N VAL A 178 -2.67 -24.56 -29.36
CA VAL A 178 -2.06 -23.34 -28.78
C VAL A 178 -0.83 -23.76 -27.98
N GLN A 179 0.35 -23.29 -28.37
CA GLN A 179 1.60 -23.72 -27.71
C GLN A 179 1.59 -23.30 -26.24
N GLU A 180 2.38 -24.00 -25.42
CA GLU A 180 2.46 -23.65 -23.99
C GLU A 180 3.84 -23.04 -23.71
N VAL A 181 3.90 -22.07 -22.81
CA VAL A 181 5.19 -21.45 -22.43
C VAL A 181 5.34 -21.56 -20.92
N SER A 182 6.58 -21.74 -20.46
CA SER A 182 6.80 -21.89 -19.02
C SER A 182 6.30 -20.66 -18.24
N SER A 183 6.69 -19.47 -18.67
CA SER A 183 6.39 -18.24 -17.93
C SER A 183 6.17 -17.10 -18.91
N VAL A 184 4.98 -16.51 -18.89
CA VAL A 184 4.69 -15.37 -19.76
C VAL A 184 5.44 -14.14 -19.27
N SER A 185 5.47 -13.92 -17.95
CA SER A 185 6.18 -12.76 -17.42
C SER A 185 7.67 -12.80 -17.77
N ALA A 186 8.26 -14.00 -17.90
CA ALA A 186 9.67 -14.07 -18.26
C ALA A 186 9.91 -13.56 -19.68
N VAL A 187 9.04 -13.93 -20.63
CA VAL A 187 9.20 -13.46 -22.01
C VAL A 187 9.13 -11.95 -22.07
N VAL A 188 8.11 -11.36 -21.44
CA VAL A 188 7.93 -9.91 -21.46
C VAL A 188 9.13 -9.19 -20.87
N ASP A 189 9.76 -9.78 -19.86
CA ASP A 189 10.94 -9.14 -19.24
C ASP A 189 12.12 -9.12 -20.22
N ARG A 190 12.26 -10.17 -21.03
CA ARG A 190 13.42 -10.27 -21.95
C ARG A 190 13.26 -9.22 -23.06
N PHE A 191 12.05 -9.07 -23.57
CA PHE A 191 11.78 -8.06 -24.63
C PHE A 191 11.95 -6.66 -24.04
N LYS A 192 11.38 -6.43 -22.86
CA LYS A 192 11.55 -5.12 -22.23
C LYS A 192 13.00 -4.86 -21.87
N SER A 193 13.78 -5.89 -21.58
CA SER A 193 15.19 -5.68 -21.26
C SER A 193 15.96 -5.24 -22.49
N LYS A 194 15.86 -6.00 -23.59
CA LYS A 194 16.61 -5.65 -24.79
C LYS A 194 16.16 -4.29 -25.34
N SER A 195 14.85 -4.01 -25.30
CA SER A 195 14.36 -2.71 -25.71
C SER A 195 15.01 -1.58 -24.91
N SER A 196 15.21 -1.80 -23.61
CA SER A 196 15.80 -0.76 -22.73
C SER A 196 17.32 -0.70 -22.89
N GLU A 197 17.97 -1.83 -23.14
CA GLU A 197 19.44 -1.88 -23.20
C GLU A 197 19.92 -1.49 -24.59
N LYS A 198 19.14 -1.81 -25.61
CA LYS A 198 19.61 -1.58 -26.96
C LYS A 198 18.73 -0.62 -27.74
N GLY A 199 17.70 -0.05 -27.12
CA GLY A 199 16.86 0.89 -27.84
C GLY A 199 16.04 0.30 -28.94
N ARG A 200 15.77 -1.01 -28.88
CA ARG A 200 14.99 -1.65 -29.91
C ARG A 200 13.51 -1.31 -29.73
N PRO A 201 12.86 -0.71 -30.73
CA PRO A 201 11.43 -0.39 -30.60
C PRO A 201 10.58 -1.62 -30.38
N ILE A 202 9.87 -1.64 -29.25
CA ILE A 202 8.84 -2.64 -28.98
C ILE A 202 7.58 -1.91 -28.56
N ARG A 203 6.47 -2.65 -28.58
CA ARG A 203 5.23 -2.18 -28.01
C ARG A 203 4.61 -3.33 -27.25
N GLN A 204 4.03 -3.00 -26.10
CA GLN A 204 3.51 -4.08 -25.23
C GLN A 204 2.21 -3.63 -24.60
N GLU A 205 1.25 -4.54 -24.54
CA GLU A 205 -0.07 -4.23 -23.94
C GLU A 205 -0.49 -5.44 -23.12
N GLU A 206 -0.97 -5.18 -21.92
CA GLU A 206 -1.43 -6.27 -21.03
C GLU A 206 -2.88 -5.99 -20.67
N SER A 207 -3.73 -6.99 -20.84
CA SER A 207 -5.12 -6.82 -20.44
C SER A 207 -5.18 -6.66 -18.94
N ARG A 208 -6.22 -5.99 -18.46
CA ARG A 208 -6.33 -5.72 -17.04
C ARG A 208 -7.75 -5.31 -16.68
N PRO A 209 -8.57 -6.24 -16.22
CA PRO A 209 -9.95 -5.89 -15.83
C PRO A 209 -9.96 -4.81 -14.76
N LYS A 210 -10.72 -3.74 -15.01
CA LYS A 210 -10.76 -2.57 -14.14
C LYS A 210 -9.34 -2.20 -13.73
N THR A 211 -9.09 -1.99 -12.44
CA THR A 211 -7.74 -1.76 -11.93
C THR A 211 -7.27 -2.92 -11.05
N GLU A 212 -7.72 -4.14 -11.39
CA GLU A 212 -7.44 -5.33 -10.59
C GLU A 212 -5.95 -5.52 -10.37
N SER A 213 -5.62 -6.01 -9.18
CA SER A 213 -4.27 -6.37 -8.77
C SER A 213 -3.98 -7.82 -9.13
N MET A 214 -2.70 -8.11 -9.35
CA MET A 214 -2.25 -9.48 -9.32
C MET A 214 -2.52 -10.08 -7.95
N GLN A 215 -2.57 -11.41 -7.90
CA GLN A 215 -2.88 -12.12 -6.66
C GLN A 215 -1.88 -13.26 -6.48
N GLU A 216 -1.59 -13.61 -5.22
CA GLU A 216 -0.61 -14.64 -4.92
C GLU A 216 -1.22 -15.96 -4.43
N ASP A 217 -2.53 -16.04 -4.30
CA ASP A 217 -3.20 -17.19 -3.72
C ASP A 217 -3.87 -18.08 -4.75
N ILE A 218 -3.79 -17.76 -6.03
CA ILE A 218 -4.47 -18.54 -7.05
C ILE A 218 -3.77 -18.28 -8.37
N GLU A 219 -3.72 -19.29 -9.21
CA GLU A 219 -3.09 -19.12 -10.53
C GLU A 219 -4.21 -18.97 -11.56
N VAL A 220 -3.98 -18.10 -12.53
CA VAL A 220 -4.99 -17.90 -13.61
C VAL A 220 -4.36 -18.36 -14.92
N ASP A 221 -5.20 -18.79 -15.85
CA ASP A 221 -4.68 -19.16 -17.19
C ASP A 221 -4.41 -17.86 -17.94
N GLU A 222 -3.36 -17.83 -18.76
CA GLU A 222 -3.00 -16.57 -19.43
C GLU A 222 -2.43 -16.86 -20.83
N LEU A 223 -2.66 -15.93 -21.77
CA LEU A 223 -2.13 -16.07 -23.11
C LEU A 223 -1.03 -15.05 -23.34
N LEU A 224 -0.19 -15.33 -24.32
CA LEU A 224 0.86 -14.42 -24.78
C LEU A 224 0.80 -14.32 -26.29
N ILE A 225 0.52 -13.13 -26.79
CA ILE A 225 0.41 -12.86 -28.23
C ILE A 225 1.66 -12.11 -28.68
N VAL A 226 2.42 -12.69 -29.62
CA VAL A 226 3.64 -12.08 -30.13
C VAL A 226 3.51 -11.83 -31.62
N GLU A 227 4.00 -10.67 -32.06
CA GLU A 227 4.07 -10.29 -33.48
C GLU A 227 5.52 -9.95 -33.80
N VAL A 228 6.11 -10.65 -34.76
CA VAL A 228 7.47 -10.39 -35.17
C VAL A 228 7.46 -9.82 -36.59
N GLY A 229 8.62 -9.34 -37.03
CA GLY A 229 8.70 -8.80 -38.37
C GLY A 229 10.10 -8.38 -38.80
N TYR A 230 10.41 -8.60 -40.08
CA TYR A 230 11.69 -8.21 -40.67
C TYR A 230 11.35 -7.24 -41.80
N GLN A 231 11.34 -5.94 -41.48
CA GLN A 231 11.02 -4.92 -42.48
C GLN A 231 11.77 -3.62 -42.14
N THR A 232 11.91 -2.76 -43.15
CA THR A 232 12.73 -1.55 -43.00
C THR A 232 12.16 -0.58 -41.97
N ASP A 233 10.83 -0.52 -41.86
CA ASP A 233 10.13 0.44 -40.98
C ASP A 233 9.77 -0.27 -39.67
N ILE A 234 10.74 -0.30 -38.75
CA ILE A 234 10.55 -1.01 -37.50
C ILE A 234 9.49 -0.32 -36.64
N GLU A 235 9.53 1.01 -36.57
CA GLU A 235 8.58 1.74 -35.73
C GLU A 235 7.16 1.53 -36.21
N GLY A 236 6.93 1.67 -37.52
CA GLY A 236 5.55 1.58 -38.04
C GLY A 236 4.92 0.24 -37.75
N LYS A 237 5.72 -0.82 -37.80
CA LYS A 237 5.20 -2.18 -37.58
C LYS A 237 4.77 -2.34 -36.13
N VAL A 238 5.65 -2.00 -35.19
CA VAL A 238 5.31 -2.18 -33.75
C VAL A 238 4.09 -1.32 -33.44
N ILE A 239 4.03 -0.12 -34.01
CA ILE A 239 2.90 0.77 -33.76
C ILE A 239 1.62 0.23 -34.39
N SER A 240 1.69 -0.22 -35.64
CA SER A 240 0.47 -0.69 -36.31
C SER A 240 0.01 -2.03 -35.73
N ASP A 241 0.95 -2.91 -35.37
CA ASP A 241 0.61 -4.14 -34.67
C ASP A 241 -0.12 -3.85 -33.37
N ILE A 242 0.47 -3.02 -32.51
CA ILE A 242 -0.13 -2.85 -31.20
C ILE A 242 -1.48 -2.16 -31.34
N GLU A 243 -1.70 -1.42 -32.43
CA GLU A 243 -2.99 -0.74 -32.65
C GLU A 243 -4.08 -1.75 -33.04
N LYS A 244 -3.69 -2.83 -33.71
CA LYS A 244 -4.67 -3.84 -34.17
C LYS A 244 -5.13 -4.67 -32.98
N TRP A 245 -4.26 -4.84 -32.00
CA TRP A 245 -4.61 -5.68 -30.83
C TRP A 245 -5.29 -4.85 -29.75
N LYS A 246 -5.25 -3.52 -29.85
CA LYS A 246 -5.82 -2.74 -28.74
C LYS A 246 -7.25 -3.13 -28.47
N GLY A 247 -8.06 -3.26 -29.52
CA GLY A 247 -9.46 -3.61 -29.33
C GLY A 247 -9.63 -4.91 -28.60
N VAL A 248 -8.85 -5.92 -28.98
CA VAL A 248 -9.00 -7.23 -28.34
C VAL A 248 -8.46 -7.18 -26.92
N VAL A 249 -7.36 -6.44 -26.70
CA VAL A 249 -6.84 -6.29 -25.35
C VAL A 249 -7.90 -5.72 -24.42
N ASN A 250 -8.60 -4.67 -24.87
CA ASN A 250 -9.69 -4.10 -24.09
C ASN A 250 -10.88 -5.05 -24.04
N LEU A 251 -10.99 -5.95 -25.01
CA LEU A 251 -12.03 -6.98 -24.98
C LEU A 251 -11.73 -8.03 -23.92
N MET A 252 -10.47 -8.50 -23.86
CA MET A 252 -10.10 -9.45 -22.82
C MET A 252 -10.29 -8.86 -21.43
N SER A 253 -9.92 -7.58 -21.25
CA SER A 253 -10.16 -6.91 -19.98
C SER A 253 -11.60 -7.08 -19.55
N HIS A 254 -12.53 -6.79 -20.46
CA HIS A 254 -13.95 -6.93 -20.15
C HIS A 254 -14.39 -8.38 -20.00
N LEU A 255 -13.58 -9.35 -20.43
CA LEU A 255 -13.88 -10.76 -20.22
C LEU A 255 -13.20 -11.33 -18.97
N GLY A 256 -12.32 -10.56 -18.33
CA GLY A 256 -11.52 -11.08 -17.24
C GLY A 256 -10.49 -12.09 -17.68
N ILE A 257 -9.96 -11.96 -18.90
CA ILE A 257 -8.96 -12.86 -19.46
C ILE A 257 -7.62 -12.12 -19.49
N LYS A 258 -6.55 -12.79 -19.03
CA LYS A 258 -5.22 -12.20 -18.96
C LYS A 258 -4.45 -12.56 -20.21
N VAL A 259 -4.15 -11.53 -21.00
CA VAL A 259 -3.36 -11.74 -22.24
C VAL A 259 -2.26 -10.69 -22.28
N ASN A 260 -1.16 -11.00 -22.97
CA ASN A 260 -0.08 -9.99 -23.14
C ASN A 260 0.29 -9.93 -24.62
N VAL A 261 0.29 -8.74 -25.18
CA VAL A 261 0.63 -8.57 -26.62
C VAL A 261 2.02 -7.93 -26.73
N LEU A 262 2.95 -8.64 -27.35
CA LEU A 262 4.28 -8.14 -27.60
C LEU A 262 4.48 -8.03 -29.10
N THR A 263 5.15 -6.96 -29.54
CA THR A 263 5.44 -6.76 -30.95
C THR A 263 6.81 -6.10 -31.12
N CYS A 264 7.58 -6.60 -32.08
CA CYS A 264 8.92 -6.10 -32.38
C CYS A 264 9.17 -6.22 -33.87
N ALA A 265 10.34 -5.74 -34.29
CA ALA A 265 10.73 -5.86 -35.70
C ALA A 265 12.21 -5.57 -35.83
N ASP A 266 12.84 -6.23 -36.79
CA ASP A 266 14.23 -5.99 -37.15
C ASP A 266 14.31 -5.56 -38.61
N ASN A 267 15.36 -4.82 -38.94
CA ASN A 267 15.70 -4.56 -40.34
C ASN A 267 17.20 -4.82 -40.55
N SER A 268 17.62 -4.71 -41.81
CA SER A 268 19.00 -5.04 -42.16
C SER A 268 20.00 -3.98 -41.71
N GLN A 269 19.56 -2.77 -41.39
CA GLN A 269 20.48 -1.78 -40.85
C GLN A 269 20.70 -1.98 -39.35
N THR A 270 19.86 -2.76 -38.68
CA THR A 270 20.06 -3.05 -37.26
C THR A 270 21.40 -3.75 -37.07
N PRO A 271 22.24 -3.30 -36.14
CA PRO A 271 23.53 -3.96 -35.92
C PRO A 271 23.35 -5.43 -35.60
N ARG A 272 24.27 -6.25 -36.13
CA ARG A 272 24.13 -7.71 -36.11
C ARG A 272 24.01 -8.27 -34.69
N THR A 273 24.55 -7.59 -33.68
CA THR A 273 24.48 -8.08 -32.30
C THR A 273 23.22 -7.65 -31.57
N ASP A 274 22.32 -6.89 -32.20
CA ASP A 274 21.17 -6.33 -31.49
C ASP A 274 19.83 -6.75 -32.11
N TRP A 275 19.78 -7.87 -32.81
CA TRP A 275 18.52 -8.33 -33.35
C TRP A 275 17.75 -9.14 -32.33
N TRP A 276 16.52 -9.49 -32.69
CA TRP A 276 15.70 -10.42 -31.92
C TRP A 276 15.97 -11.87 -32.30
N ILE A 277 16.97 -12.10 -33.14
CA ILE A 277 17.42 -13.45 -33.50
C ILE A 277 18.92 -13.48 -33.28
N ASP A 278 19.45 -14.69 -33.04
CA ASP A 278 20.87 -14.86 -32.77
C ASP A 278 21.71 -14.28 -33.91
N GLU A 279 22.84 -13.68 -33.58
CA GLU A 279 23.75 -13.08 -34.60
C GLU A 279 23.99 -14.07 -35.74
N LYS A 280 24.17 -15.34 -35.41
CA LYS A 280 24.48 -16.34 -36.45
C LYS A 280 23.35 -16.33 -37.46
N TYR A 281 22.11 -16.40 -36.98
CA TYR A 281 20.95 -16.35 -37.89
C TYR A 281 21.02 -15.04 -38.69
N VAL A 282 21.57 -13.96 -38.10
CA VAL A 282 21.58 -12.72 -38.85
C VAL A 282 22.51 -12.83 -40.06
N ARG A 283 23.73 -13.35 -39.84
CA ARG A 283 24.64 -13.57 -40.96
C ARG A 283 24.04 -14.51 -42.00
N LEU A 284 23.11 -15.36 -41.59
CA LEU A 284 22.57 -16.33 -42.56
C LEU A 284 21.55 -15.62 -43.44
N LEU A 285 20.86 -14.62 -42.89
CA LEU A 285 19.79 -13.95 -43.67
C LEU A 285 20.42 -12.87 -44.56
N LEU A 286 21.37 -12.12 -44.02
CA LEU A 286 21.99 -11.06 -44.81
C LEU A 286 22.74 -11.63 -46.01
N ASN A 287 23.47 -12.74 -45.81
CA ASN A 287 24.25 -13.34 -46.89
C ASN A 287 23.38 -14.01 -47.95
N SER A 288 22.08 -14.18 -47.70
CA SER A 288 21.22 -14.90 -48.62
C SER A 288 20.03 -14.04 -49.05
N ILE A 289 19.07 -13.79 -48.17
CA ILE A 289 17.88 -13.08 -48.64
C ILE A 289 18.18 -11.63 -48.96
N SER A 290 19.17 -11.03 -48.29
CA SER A 290 19.49 -9.64 -48.57
C SER A 290 20.25 -9.50 -49.87
N TYR A 291 21.31 -10.28 -50.06
CA TYR A 291 22.07 -10.25 -51.34
C TYR A 291 21.11 -10.48 -52.50
N LEU A 292 20.17 -11.41 -52.33
CA LEU A 292 19.20 -11.71 -53.41
C LEU A 292 18.50 -10.42 -53.81
N PHE A 293 17.82 -9.81 -52.84
CA PHE A 293 17.12 -8.54 -53.11
C PHE A 293 18.10 -7.58 -53.80
N LYS A 294 19.35 -7.47 -53.33
CA LYS A 294 20.27 -6.62 -54.07
C LYS A 294 20.34 -7.04 -55.55
N GLU A 295 20.63 -8.32 -55.80
CA GLU A 295 20.85 -8.76 -57.19
C GLU A 295 19.53 -8.81 -57.97
N LEU A 296 18.40 -8.83 -57.26
CA LEU A 296 17.10 -8.98 -57.98
C LEU A 296 16.72 -7.64 -58.61
N LEU A 297 17.05 -6.54 -57.95
CA LEU A 297 16.70 -5.20 -58.48
C LEU A 297 17.74 -4.79 -59.52
N GLU A 298 19.00 -4.65 -59.07
CA GLU A 298 20.11 -4.28 -59.99
C GLU A 298 20.04 -4.92 -61.37
N ASN A 299 20.01 -6.26 -61.40
CA ASN A 299 19.84 -6.96 -62.69
C ASN A 299 18.32 -6.90 -62.91
N GLU B 1 8.62 -18.56 13.70
CA GLU B 1 7.72 -17.45 13.99
C GLU B 1 7.95 -16.38 12.94
N VAL B 2 6.90 -15.99 12.23
CA VAL B 2 7.04 -14.91 11.26
C VAL B 2 7.24 -13.60 12.01
N LYS B 3 8.27 -12.85 11.63
CA LYS B 3 8.49 -11.54 12.22
C LYS B 3 8.98 -10.57 11.15
N LEU B 4 8.55 -9.31 11.26
CA LEU B 4 9.00 -8.24 10.39
C LEU B 4 9.47 -7.09 11.27
N GLU B 5 10.69 -6.61 11.03
CA GLU B 5 11.29 -5.60 11.89
C GLU B 5 11.72 -4.41 11.03
N GLU B 6 10.97 -3.30 11.17
CA GLU B 6 11.27 -2.10 10.41
C GLU B 6 12.34 -1.27 11.11
N SER B 7 13.13 -0.57 10.31
CA SER B 7 14.10 0.38 10.83
C SER B 7 14.19 1.53 9.85
N GLY B 8 14.76 2.63 10.32
CA GLY B 8 15.10 3.76 9.46
C GLY B 8 14.30 4.99 9.73
N GLY B 9 13.29 4.92 10.59
CA GLY B 9 12.51 6.11 10.89
C GLY B 9 13.30 7.20 11.60
N GLY B 10 12.64 8.34 11.77
CA GLY B 10 13.25 9.44 12.48
C GLY B 10 12.75 10.76 11.96
N LEU B 11 13.47 11.81 12.31
CA LEU B 11 13.11 13.16 11.93
C LEU B 11 13.70 13.48 10.59
N VAL B 12 12.93 14.15 9.74
CA VAL B 12 13.34 14.51 8.38
C VAL B 12 12.74 15.87 8.04
N ARG B 13 13.53 16.71 7.39
CA ARG B 13 12.98 18.01 7.07
C ARG B 13 12.16 17.91 5.79
N PRO B 14 11.12 18.73 5.65
CA PRO B 14 10.34 18.75 4.42
C PRO B 14 11.26 18.92 3.22
N GLY B 15 10.98 18.17 2.16
CA GLY B 15 11.86 18.08 1.02
C GLY B 15 12.93 17.02 1.14
N GLY B 16 13.14 16.47 2.32
CA GLY B 16 14.22 15.53 2.54
C GLY B 16 13.82 14.12 2.15
N SER B 17 14.70 13.19 2.55
CA SER B 17 14.61 11.80 2.12
C SER B 17 14.92 10.89 3.29
N ARG B 18 14.51 9.64 3.14
CA ARG B 18 14.75 8.65 4.17
C ARG B 18 14.59 7.29 3.52
N LYS B 19 15.36 6.32 4.01
CA LYS B 19 15.25 4.95 3.52
C LYS B 19 14.82 4.08 4.69
N LEU B 20 13.70 3.40 4.48
CA LEU B 20 13.17 2.49 5.50
C LEU B 20 13.51 1.06 5.08
N SER B 21 13.81 0.23 6.06
CA SER B 21 14.11 -1.19 5.78
C SER B 21 13.24 -2.06 6.67
N CYS B 22 13.03 -3.30 6.26
CA CYS B 22 12.24 -4.27 7.03
C CYS B 22 12.95 -5.61 6.91
N ALA B 23 13.44 -6.11 8.04
CA ALA B 23 14.06 -7.42 8.07
C ALA B 23 12.99 -8.49 8.31
N ALA B 24 12.95 -9.48 7.44
CA ALA B 24 11.97 -10.54 7.52
C ALA B 24 12.62 -11.83 8.01
N SER B 25 11.93 -12.54 8.89
CA SER B 25 12.41 -13.81 9.39
C SER B 25 11.24 -14.76 9.56
N GLY B 26 11.53 -16.06 9.46
CA GLY B 26 10.56 -17.08 9.81
C GLY B 26 9.75 -17.62 8.66
N PHE B 27 10.09 -17.27 7.43
CA PHE B 27 9.43 -17.78 6.25
C PHE B 27 10.35 -17.48 5.08
N THR B 28 10.18 -18.25 4.01
CA THR B 28 10.91 -17.96 2.78
C THR B 28 10.45 -16.64 2.17
N PHE B 29 11.06 -15.56 2.65
CA PHE B 29 10.77 -14.20 2.21
C PHE B 29 10.77 -14.06 0.69
N SER B 30 11.62 -14.81 -0.01
CA SER B 30 11.76 -14.61 -1.44
C SER B 30 10.53 -15.06 -2.22
N SER B 31 9.63 -15.81 -1.62
CA SER B 31 8.49 -16.31 -2.37
C SER B 31 7.26 -15.43 -2.28
N TYR B 32 7.30 -14.32 -1.56
CA TYR B 32 6.08 -13.61 -1.25
C TYR B 32 6.15 -12.12 -1.56
N GLY B 33 5.03 -11.59 -2.05
CA GLY B 33 4.91 -10.15 -2.16
C GLY B 33 4.99 -9.47 -0.79
N MET B 34 5.57 -8.28 -0.80
CA MET B 34 5.82 -7.49 0.39
C MET B 34 5.16 -6.12 0.22
N GLN B 35 4.69 -5.54 1.33
CA GLN B 35 3.95 -4.29 1.30
C GLN B 35 4.42 -3.32 2.38
N TRP B 36 4.17 -2.04 2.12
CA TRP B 36 4.34 -0.95 3.08
C TRP B 36 2.97 -0.31 3.32
N VAL B 37 2.61 -0.11 4.59
CA VAL B 37 1.41 0.61 4.99
C VAL B 37 1.83 1.68 5.97
N ARG B 38 1.07 2.75 6.05
CA ARG B 38 1.39 3.84 6.97
C ARG B 38 0.13 4.30 7.70
N GLN B 39 0.34 4.97 8.82
CA GLN B 39 -0.74 5.52 9.64
C GLN B 39 -0.29 6.84 10.24
N ALA B 40 -0.85 7.93 9.74
CA ALA B 40 -0.65 9.23 10.37
C ALA B 40 -1.21 9.20 11.79
N PRO B 41 -0.65 10.00 12.70
CA PRO B 41 -1.13 9.96 14.09
C PRO B 41 -2.63 10.23 14.19
N GLU B 42 -3.33 9.42 14.97
CA GLU B 42 -4.78 9.63 15.21
C GLU B 42 -5.59 9.50 13.92
N LYS B 43 -5.11 8.71 12.96
CA LYS B 43 -5.84 8.51 11.69
C LYS B 43 -5.91 7.03 11.34
N GLY B 44 -6.50 6.72 10.18
CA GLY B 44 -6.63 5.35 9.74
C GLY B 44 -5.40 4.83 8.99
N LEU B 45 -5.49 3.57 8.58
CA LEU B 45 -4.44 2.96 7.79
C LEU B 45 -4.49 3.42 6.33
N GLU B 46 -3.32 3.61 5.72
CA GLU B 46 -3.23 3.99 4.32
C GLU B 46 -2.12 3.19 3.66
N TRP B 47 -2.51 2.36 2.70
CA TRP B 47 -1.57 1.52 1.95
C TRP B 47 -0.59 2.38 1.17
N VAL B 48 0.65 1.95 1.10
CA VAL B 48 1.72 2.74 0.49
C VAL B 48 2.26 2.07 -0.78
N ALA B 49 2.68 0.81 -0.69
CA ALA B 49 3.26 0.18 -1.88
C ALA B 49 3.27 -1.34 -1.72
N TYR B 50 3.34 -2.02 -2.86
CA TYR B 50 3.44 -3.47 -2.96
C TYR B 50 4.58 -3.81 -3.91
N ILE B 51 5.28 -4.91 -3.64
CA ILE B 51 6.28 -5.43 -4.57
C ILE B 51 6.15 -6.94 -4.66
N SER B 52 6.04 -7.47 -5.87
CA SER B 52 5.92 -8.90 -6.03
C SER B 52 7.18 -9.59 -5.51
N SER B 53 7.11 -10.91 -5.43
CA SER B 53 8.22 -11.67 -4.87
C SER B 53 9.49 -11.52 -5.68
N GLY B 54 9.37 -11.44 -7.01
CA GLY B 54 10.51 -11.30 -7.89
C GLY B 54 10.72 -9.88 -8.39
N SER B 55 10.05 -8.92 -7.74
CA SER B 55 10.08 -7.49 -8.06
C SER B 55 9.57 -7.15 -9.46
N ARG B 56 8.87 -8.07 -10.15
CA ARG B 56 8.41 -7.76 -11.51
C ARG B 56 7.22 -6.81 -11.49
N THR B 57 6.35 -6.90 -10.48
CA THR B 57 5.19 -6.04 -10.36
C THR B 57 5.30 -5.18 -9.11
N ILE B 58 5.11 -3.87 -9.29
CA ILE B 58 5.18 -2.91 -8.20
C ILE B 58 3.97 -2.00 -8.29
N TYR B 59 3.33 -1.75 -7.16
CA TYR B 59 2.18 -0.85 -7.09
C TYR B 59 2.45 0.27 -6.11
N TYR B 60 1.95 1.46 -6.43
CA TYR B 60 2.10 2.62 -5.56
C TYR B 60 0.75 3.28 -5.33
N ALA B 61 0.62 3.92 -4.18
CA ALA B 61 -0.53 4.79 -3.95
C ALA B 61 -0.21 6.11 -4.66
N ASP B 62 -1.21 6.80 -5.20
CA ASP B 62 -0.98 8.03 -6.00
C ASP B 62 -0.24 9.08 -5.18
N THR B 63 -0.55 9.15 -3.88
CA THR B 63 0.07 10.15 -2.97
C THR B 63 1.59 10.05 -2.96
N VAL B 64 2.17 8.90 -3.29
CA VAL B 64 3.61 8.72 -3.20
C VAL B 64 4.26 8.45 -4.53
N LYS B 65 3.49 8.24 -5.60
CA LYS B 65 4.04 8.02 -6.92
C LYS B 65 4.98 9.15 -7.28
N GLY B 66 6.15 8.79 -7.85
CA GLY B 66 7.17 9.76 -8.19
C GLY B 66 8.04 10.21 -7.04
N ARG B 67 7.73 9.82 -5.81
CA ARG B 67 8.56 10.20 -4.67
C ARG B 67 9.13 9.01 -3.92
N PHE B 68 8.40 7.88 -3.86
CA PHE B 68 8.77 6.72 -3.06
C PHE B 68 9.13 5.58 -3.98
N THR B 69 10.10 4.78 -3.56
CA THR B 69 10.47 3.59 -4.30
C THR B 69 10.49 2.42 -3.33
N ILE B 70 9.80 1.37 -3.69
CA ILE B 70 9.85 0.12 -2.94
C ILE B 70 10.84 -0.80 -3.64
N SER B 71 11.52 -1.63 -2.86
CA SER B 71 12.43 -2.61 -3.45
C SER B 71 12.81 -3.59 -2.36
N ARG B 72 13.49 -4.65 -2.78
CA ARG B 72 13.74 -5.77 -1.90
C ARG B 72 15.06 -6.40 -2.30
N ASP B 73 15.70 -7.05 -1.33
CA ASP B 73 16.88 -7.86 -1.59
C ASP B 73 16.57 -9.23 -1.01
N ASN B 74 16.15 -10.15 -1.86
CA ASN B 74 15.70 -11.45 -1.38
C ASN B 74 16.80 -12.27 -0.68
N PRO B 75 18.03 -12.37 -1.21
CA PRO B 75 19.08 -13.07 -0.44
C PRO B 75 19.29 -12.49 0.95
N LYS B 76 18.98 -11.22 1.15
CA LYS B 76 19.19 -10.59 2.45
C LYS B 76 17.92 -10.53 3.31
N ASN B 77 16.83 -11.13 2.82
CA ASN B 77 15.54 -11.17 3.53
C ASN B 77 15.11 -9.77 3.99
N THR B 78 15.29 -8.78 3.13
CA THR B 78 15.05 -7.40 3.52
C THR B 78 14.24 -6.66 2.47
N LEU B 79 13.26 -5.89 2.95
CA LEU B 79 12.42 -5.01 2.14
C LEU B 79 12.79 -3.56 2.40
N PHE B 80 12.74 -2.72 1.37
CA PHE B 80 13.09 -1.31 1.51
C PHE B 80 11.98 -0.38 1.03
N LEU B 81 12.05 0.85 1.53
CA LEU B 81 11.25 1.95 1.02
C LEU B 81 12.17 3.17 0.98
N GLN B 82 12.49 3.62 -0.23
CA GLN B 82 13.18 4.89 -0.43
C GLN B 82 12.13 5.99 -0.52
N MET B 83 12.21 6.94 0.40
CA MET B 83 11.32 8.08 0.44
C MET B 83 12.09 9.32 0.05
N THR B 84 11.54 10.11 -0.87
CA THR B 84 12.15 11.37 -1.29
C THR B 84 11.06 12.42 -1.41
N SER B 85 11.50 13.68 -1.52
CA SER B 85 10.65 14.87 -1.49
C SER B 85 9.53 14.75 -0.44
N LEU B 86 9.92 14.45 0.79
CA LEU B 86 8.92 14.23 1.84
C LEU B 86 8.17 15.53 2.18
N ARG B 87 6.91 15.37 2.57
CA ARG B 87 6.08 16.48 3.02
C ARG B 87 5.59 16.14 4.41
N SER B 88 5.18 17.18 5.13
CA SER B 88 4.65 16.94 6.48
C SER B 88 3.51 15.94 6.47
N GLU B 89 2.73 15.89 5.39
CA GLU B 89 1.64 14.91 5.33
C GLU B 89 2.15 13.48 5.22
N ASP B 90 3.46 13.28 5.09
CA ASP B 90 4.03 11.93 5.13
C ASP B 90 4.35 11.49 6.54
N THR B 91 4.22 12.38 7.52
CA THR B 91 4.43 12.04 8.92
C THR B 91 3.54 10.87 9.31
N ALA B 92 4.14 9.75 9.66
CA ALA B 92 3.33 8.57 9.89
C ALA B 92 4.16 7.52 10.60
N MET B 93 3.48 6.51 11.11
CA MET B 93 4.13 5.25 11.45
C MET B 93 4.12 4.37 10.20
N TYR B 94 5.28 3.84 9.83
CA TYR B 94 5.39 3.02 8.62
C TYR B 94 5.55 1.55 8.99
N TYR B 95 4.67 0.72 8.45
CA TYR B 95 4.64 -0.72 8.71
C TYR B 95 5.01 -1.46 7.44
N CYS B 96 5.84 -2.48 7.55
CA CYS B 96 5.87 -3.48 6.48
C CYS B 96 4.93 -4.59 6.86
N ALA B 97 4.41 -5.26 5.84
CA ALA B 97 3.39 -6.27 6.00
C ALA B 97 3.54 -7.26 4.86
N THR B 98 2.91 -8.43 5.02
CA THR B 98 2.86 -9.41 3.95
C THR B 98 1.67 -10.33 4.18
N GLY B 99 1.27 -11.01 3.11
CA GLY B 99 0.16 -11.92 3.19
C GLY B 99 0.60 -13.33 3.50
N TYR B 100 1.88 -13.61 3.28
CA TYR B 100 2.39 -14.97 3.38
C TYR B 100 1.53 -15.93 2.57
N GLY B 101 1.20 -15.54 1.34
CA GLY B 101 0.33 -16.35 0.50
C GLY B 101 -0.84 -15.62 -0.13
N GLY B 102 -0.89 -14.30 0.03
CA GLY B 102 -1.95 -13.50 -0.58
C GLY B 102 -1.61 -12.04 -0.43
N THR B 103 -2.51 -11.19 -0.94
CA THR B 103 -2.30 -9.75 -0.98
C THR B 103 -2.92 -9.01 0.21
N TRP B 104 -3.44 -9.74 1.19
CA TRP B 104 -3.93 -9.20 2.45
C TRP B 104 -2.78 -9.04 3.44
N PHE B 105 -2.99 -8.20 4.45
CA PHE B 105 -1.93 -7.89 5.42
C PHE B 105 -2.04 -8.85 6.58
N ALA B 106 -1.43 -10.03 6.41
CA ALA B 106 -1.46 -11.07 7.43
C ALA B 106 -0.47 -10.80 8.55
N TYR B 107 0.73 -10.38 8.20
CA TYR B 107 1.80 -10.17 9.17
C TYR B 107 2.26 -8.73 9.09
N TRP B 108 2.44 -8.12 10.26
CA TRP B 108 2.79 -6.72 10.35
C TRP B 108 4.01 -6.57 11.24
N GLY B 109 4.81 -5.56 10.94
CA GLY B 109 5.86 -5.17 11.85
C GLY B 109 5.30 -4.31 12.96
N GLN B 110 6.20 -3.92 13.87
CA GLN B 110 5.83 -2.96 14.90
C GLN B 110 5.80 -1.54 14.38
N GLY B 111 6.34 -1.29 13.19
CA GLY B 111 6.28 0.03 12.60
C GLY B 111 7.44 0.90 13.06
N THR B 112 7.77 1.88 12.23
CA THR B 112 8.77 2.87 12.56
C THR B 112 8.24 4.25 12.23
N LEU B 113 8.48 5.21 13.12
CA LEU B 113 7.85 6.51 13.02
C LEU B 113 8.72 7.43 12.17
N VAL B 114 8.14 8.04 11.15
CA VAL B 114 8.80 9.06 10.34
C VAL B 114 8.10 10.38 10.61
N THR B 115 8.88 11.36 11.06
CA THR B 115 8.40 12.71 11.29
C THR B 115 9.02 13.65 10.28
N VAL B 116 8.21 14.24 9.41
CA VAL B 116 8.70 15.24 8.46
C VAL B 116 8.29 16.61 8.96
N SER B 117 9.28 17.44 9.28
CA SER B 117 9.05 18.71 9.94
C SER B 117 10.35 19.49 10.01
N ALA B 118 10.24 20.81 9.92
CA ALA B 118 11.38 21.69 10.08
C ALA B 118 11.57 22.15 11.51
N ALA B 119 10.75 21.67 12.44
CA ALA B 119 10.93 22.02 13.85
C ALA B 119 12.20 21.37 14.36
N SER B 120 12.81 22.02 15.33
CA SER B 120 14.09 21.57 15.83
C SER B 120 13.88 20.78 17.12
N THR B 121 14.56 19.62 17.21
CA THR B 121 14.50 18.75 18.38
C THR B 121 14.68 19.55 19.66
N LYS B 122 13.73 19.37 20.57
CA LYS B 122 13.74 20.11 21.83
C LYS B 122 13.15 19.20 22.88
N GLY B 123 13.85 19.06 24.01
CA GLY B 123 13.30 18.36 25.14
C GLY B 123 12.23 19.18 25.82
N PRO B 124 11.47 18.50 26.69
CA PRO B 124 10.28 19.12 27.27
C PRO B 124 10.55 19.97 28.51
N SER B 125 9.74 21.02 28.63
CA SER B 125 9.58 21.70 29.90
C SER B 125 8.59 20.89 30.72
N VAL B 126 8.93 20.59 31.97
CA VAL B 126 8.08 19.76 32.82
C VAL B 126 7.68 20.58 34.04
N PHE B 127 6.38 20.86 34.17
CA PHE B 127 5.88 21.63 35.28
C PHE B 127 4.93 20.77 36.12
N PRO B 128 5.00 20.88 37.44
CA PRO B 128 4.08 20.09 38.28
C PRO B 128 2.67 20.64 38.23
N LEU B 129 1.71 19.72 38.29
CA LEU B 129 0.31 20.05 38.54
C LEU B 129 0.05 19.61 39.98
N ALA B 130 0.15 20.58 40.93
CA ALA B 130 0.18 20.29 42.37
C ALA B 130 -1.19 19.90 42.90
N PRO B 131 -1.26 18.87 43.74
CA PRO B 131 -2.51 18.55 44.44
C PRO B 131 -2.95 19.71 45.31
N SER B 132 -4.26 19.88 45.40
CA SER B 132 -4.82 20.93 46.24
C SER B 132 -6.26 20.54 46.52
N SER B 133 -6.97 21.39 47.29
CA SER B 133 -8.40 21.18 47.54
C SER B 133 -9.23 21.25 46.25
N LYS B 134 -8.73 21.95 45.24
CA LYS B 134 -9.41 22.03 43.95
C LYS B 134 -9.17 20.81 43.07
N SER B 135 -8.36 19.84 43.52
CA SER B 135 -8.12 18.62 42.77
C SER B 135 -8.41 17.38 43.60
N THR B 136 -9.13 17.54 44.71
CA THR B 136 -9.44 16.44 45.63
C THR B 136 -10.92 16.11 45.52
N SER B 137 -11.23 14.82 45.69
CA SER B 137 -12.61 14.36 45.81
C SER B 137 -12.65 13.24 46.84
N GLY B 138 -13.41 13.44 47.91
CA GLY B 138 -13.48 12.42 48.95
C GLY B 138 -12.11 12.20 49.56
N GLY B 139 -11.64 10.95 49.55
CA GLY B 139 -10.29 10.66 49.98
C GLY B 139 -9.28 10.59 48.87
N THR B 140 -9.63 11.07 47.68
CA THR B 140 -8.79 10.96 46.49
C THR B 140 -8.28 12.34 46.05
N ALA B 141 -7.01 12.40 45.70
CA ALA B 141 -6.39 13.61 45.20
C ALA B 141 -5.77 13.34 43.84
N ALA B 142 -5.91 14.30 42.93
CA ALA B 142 -5.28 14.23 41.62
C ALA B 142 -4.06 15.13 41.60
N LEU B 143 -3.02 14.67 40.93
CA LEU B 143 -1.83 15.48 40.69
C LEU B 143 -1.27 15.08 39.34
N GLY B 144 -0.34 15.89 38.82
CA GLY B 144 0.30 15.44 37.60
C GLY B 144 1.46 16.31 37.16
N CYS B 145 1.86 16.07 35.91
CA CYS B 145 2.93 16.83 35.25
C CYS B 145 2.39 17.36 33.94
N LEU B 146 2.75 18.61 33.64
CA LEU B 146 2.54 19.19 32.31
C LEU B 146 3.86 19.08 31.56
N VAL B 147 3.84 18.39 30.43
CA VAL B 147 5.04 18.11 29.65
C VAL B 147 4.97 18.94 28.37
N LYS B 148 5.57 20.13 28.40
CA LYS B 148 5.29 21.17 27.42
C LYS B 148 6.45 21.37 26.44
N ASP B 149 6.09 21.45 25.16
CA ASP B 149 6.93 22.03 24.09
C ASP B 149 8.19 21.20 23.83
N TYR B 150 7.96 19.94 23.49
CA TYR B 150 9.00 19.00 23.13
C TYR B 150 8.79 18.60 21.68
N PHE B 151 9.85 18.07 21.05
CA PHE B 151 9.78 17.66 19.65
C PHE B 151 10.99 16.80 19.29
N PRO B 152 10.84 15.77 18.45
CA PRO B 152 9.61 15.21 17.89
C PRO B 152 8.96 14.28 18.91
N GLU B 153 8.03 13.44 18.48
CA GLU B 153 7.33 12.57 19.43
C GLU B 153 8.24 11.49 19.98
N PRO B 154 7.77 10.30 20.17
CA PRO B 154 7.73 9.68 21.50
C PRO B 154 8.37 10.48 22.63
N VAL B 155 7.57 10.73 23.66
CA VAL B 155 8.03 10.98 25.02
C VAL B 155 7.37 9.91 25.89
N THR B 156 8.02 9.56 27.00
CA THR B 156 7.42 8.59 27.90
C THR B 156 7.36 9.18 29.30
N VAL B 157 6.23 8.98 29.95
CA VAL B 157 6.04 9.43 31.31
C VAL B 157 5.86 8.20 32.17
N SER B 158 6.49 8.21 33.33
CA SER B 158 6.21 7.24 34.36
C SER B 158 6.11 7.97 35.68
N TRP B 159 5.55 7.31 36.67
CA TRP B 159 5.43 7.89 37.99
C TRP B 159 6.20 7.02 38.97
N ASN B 160 7.01 7.68 39.81
CA ASN B 160 7.86 7.00 40.79
C ASN B 160 8.56 5.80 40.16
N SER B 161 9.24 6.09 39.04
CA SER B 161 10.01 5.10 38.28
C SER B 161 9.16 3.91 37.84
N GLY B 162 7.86 4.12 37.67
CA GLY B 162 6.95 3.07 37.22
C GLY B 162 6.32 2.25 38.33
N ALA B 163 6.64 2.54 39.60
CA ALA B 163 6.00 1.82 40.69
C ALA B 163 4.52 2.20 40.83
N LEU B 164 4.18 3.39 40.38
CA LEU B 164 2.84 3.94 40.50
C LEU B 164 2.20 3.82 39.12
N THR B 165 1.29 2.87 38.98
CA THR B 165 0.59 2.68 37.71
C THR B 165 -0.91 2.75 37.84
N SER B 166 -1.45 2.52 39.04
CA SER B 166 -2.87 2.62 39.27
C SER B 166 -3.33 4.07 39.13
N GLY B 167 -4.33 4.28 38.27
CA GLY B 167 -4.92 5.60 38.13
C GLY B 167 -4.12 6.58 37.31
N VAL B 168 -3.06 6.14 36.64
CA VAL B 168 -2.26 7.02 35.81
C VAL B 168 -2.97 7.25 34.48
N HIS B 169 -3.18 8.51 34.13
CA HIS B 169 -3.62 8.87 32.79
C HIS B 169 -2.58 9.77 32.18
N THR B 170 -1.91 9.28 31.14
CA THR B 170 -1.01 10.11 30.36
C THR B 170 -1.70 10.46 29.06
N PHE B 171 -1.85 11.69 28.82
CA PHE B 171 -2.72 11.98 27.68
C PHE B 171 -1.95 12.01 26.38
N PRO B 172 -2.61 11.70 25.27
CA PRO B 172 -1.95 11.84 23.97
C PRO B 172 -1.49 13.27 23.75
N ALA B 173 -0.31 13.42 23.13
CA ALA B 173 0.21 14.73 22.82
C ALA B 173 -0.69 15.47 21.84
N VAL B 174 -0.68 16.80 21.94
CA VAL B 174 -1.31 17.68 20.98
C VAL B 174 -0.23 18.43 20.23
N LEU B 175 -0.20 18.28 18.91
CA LEU B 175 0.70 19.10 18.09
C LEU B 175 0.30 20.57 18.19
N GLN B 176 1.17 21.39 18.76
CA GLN B 176 0.93 22.82 18.83
C GLN B 176 1.22 23.51 17.49
N SER B 177 0.65 24.70 17.33
CA SER B 177 0.85 25.46 16.11
C SER B 177 2.29 25.93 15.97
N SER B 178 3.04 25.95 17.08
CA SER B 178 4.47 26.20 17.01
C SER B 178 5.26 25.07 16.34
N GLY B 179 4.63 23.93 16.03
CA GLY B 179 5.32 22.77 15.52
C GLY B 179 5.78 21.78 16.58
N LEU B 180 5.75 22.20 17.86
CA LEU B 180 6.09 21.41 19.04
C LEU B 180 4.87 20.66 19.56
N TYR B 181 5.12 19.70 20.45
CA TYR B 181 4.09 18.92 21.11
C TYR B 181 3.96 19.30 22.58
N SER B 182 2.82 18.96 23.16
CA SER B 182 2.67 19.03 24.61
C SER B 182 1.67 17.98 25.04
N LEU B 183 1.84 17.50 26.27
CA LEU B 183 0.88 16.62 26.89
C LEU B 183 0.87 16.89 28.39
N SER B 184 0.00 16.20 29.08
CA SER B 184 0.01 16.15 30.52
C SER B 184 -0.16 14.69 30.95
N SER B 185 0.25 14.40 32.18
CA SER B 185 0.08 13.08 32.78
C SER B 185 -0.41 13.29 34.19
N VAL B 186 -1.50 12.64 34.54
CA VAL B 186 -2.12 12.81 35.84
C VAL B 186 -2.24 11.44 36.49
N VAL B 187 -2.35 11.46 37.81
CA VAL B 187 -2.61 10.25 38.57
C VAL B 187 -3.47 10.64 39.76
N THR B 188 -4.37 9.74 40.16
CA THR B 188 -5.10 9.91 41.41
C THR B 188 -4.50 9.01 42.47
N VAL B 189 -4.40 9.54 43.68
CA VAL B 189 -3.76 8.89 44.81
C VAL B 189 -4.60 9.14 46.05
N PRO B 190 -4.43 8.32 47.10
CA PRO B 190 -5.11 8.61 48.36
C PRO B 190 -4.68 9.96 48.89
N SER B 191 -5.65 10.81 49.23
CA SER B 191 -5.27 12.14 49.72
C SER B 191 -4.54 12.05 51.05
N SER B 192 -4.81 11.00 51.83
CA SER B 192 -4.05 10.73 53.04
C SER B 192 -2.57 10.56 52.77
N SER B 193 -2.19 10.23 51.54
CA SER B 193 -0.80 9.93 51.24
C SER B 193 0.02 11.19 51.02
N LEU B 194 -0.63 12.34 50.79
CA LEU B 194 0.10 13.58 50.61
C LEU B 194 0.81 13.96 51.91
N GLY B 195 2.02 14.47 51.77
CA GLY B 195 2.79 14.76 53.01
C GLY B 195 3.69 13.62 53.39
N THR B 196 3.29 12.39 53.08
CA THR B 196 4.09 11.20 53.46
C THR B 196 4.65 10.53 52.21
N GLN B 197 3.91 10.59 51.11
CA GLN B 197 4.37 9.87 49.90
C GLN B 197 4.98 10.85 48.90
N THR B 198 6.15 10.51 48.40
CA THR B 198 6.81 11.34 47.39
C THR B 198 6.28 10.97 46.01
N TYR B 199 5.83 11.97 45.27
CA TYR B 199 5.34 11.78 43.92
C TYR B 199 6.30 12.49 42.98
N ILE B 200 6.96 11.70 42.13
CA ILE B 200 7.91 12.20 41.15
C ILE B 200 7.47 11.69 39.79
N CYS B 201 7.33 12.60 38.83
CA CYS B 201 7.08 12.13 37.48
C CYS B 201 8.40 12.07 36.70
N ASN B 202 8.57 10.99 35.97
CA ASN B 202 9.77 10.71 35.21
C ASN B 202 9.43 10.90 33.75
N VAL B 203 9.97 11.96 33.14
CA VAL B 203 9.73 12.23 31.74
C VAL B 203 10.99 11.86 30.96
N ASN B 204 10.86 10.91 30.05
CA ASN B 204 11.95 10.50 29.20
C ASN B 204 11.66 10.89 27.76
N HIS B 205 12.58 11.61 27.13
CA HIS B 205 12.45 12.05 25.75
C HIS B 205 13.74 11.67 25.05
N LYS B 206 13.83 10.41 24.61
CA LYS B 206 15.03 9.92 23.94
C LYS B 206 15.47 10.75 22.73
N PRO B 207 14.59 11.30 21.89
CA PRO B 207 15.09 12.09 20.74
C PRO B 207 16.02 13.23 21.09
N SER B 208 15.80 13.91 22.22
CA SER B 208 16.69 14.96 22.67
C SER B 208 17.65 14.49 23.76
N ASN B 209 17.71 13.18 24.01
CA ASN B 209 18.50 12.60 25.10
C ASN B 209 18.31 13.39 26.38
N THR B 210 17.04 13.68 26.69
CA THR B 210 16.66 14.37 27.91
C THR B 210 15.75 13.49 28.76
N LYS B 211 15.92 13.64 30.07
CA LYS B 211 15.26 12.80 31.04
C LYS B 211 14.98 13.75 32.20
N VAL B 212 13.74 13.87 32.61
CA VAL B 212 13.37 14.84 33.62
C VAL B 212 12.59 14.13 34.72
N ASP B 213 13.00 14.38 35.97
CA ASP B 213 12.35 13.83 37.14
C ASP B 213 11.80 14.98 37.95
N LYS B 214 10.51 15.23 37.84
CA LYS B 214 9.93 16.34 38.55
C LYS B 214 9.17 15.83 39.76
N LYS B 215 9.35 16.50 40.89
CA LYS B 215 8.69 16.13 42.13
C LYS B 215 7.45 17.00 42.26
N VAL B 216 6.31 16.36 42.51
CA VAL B 216 5.03 17.05 42.59
C VAL B 216 4.58 17.03 44.03
N GLU B 217 4.49 18.21 44.63
CA GLU B 217 4.18 18.39 46.04
C GLU B 217 2.97 19.30 46.18
N PRO B 218 2.22 19.18 47.27
CA PRO B 218 1.14 20.14 47.52
C PRO B 218 1.71 21.51 47.85
N LYS B 219 1.03 22.55 47.39
CA LYS B 219 1.57 23.90 47.55
C LYS B 219 1.03 24.55 48.81
N SER B 220 1.72 25.62 49.24
CA SER B 220 1.36 26.34 50.45
C SER B 220 0.94 27.78 50.15
N GLN C 1 -10.56 5.34 -7.24
CA GLN C 1 -10.31 4.35 -6.20
C GLN C 1 -11.56 3.69 -5.62
N ILE C 2 -11.42 2.46 -5.15
CA ILE C 2 -12.50 1.77 -4.45
C ILE C 2 -12.66 2.35 -3.06
N VAL C 3 -13.86 2.84 -2.76
CA VAL C 3 -14.15 3.44 -1.47
C VAL C 3 -14.88 2.40 -0.64
N LEU C 4 -14.39 2.19 0.58
CA LEU C 4 -15.00 1.28 1.55
C LEU C 4 -15.63 2.12 2.64
N SER C 5 -16.93 1.95 2.84
CA SER C 5 -17.70 2.72 3.82
C SER C 5 -18.06 1.78 4.96
N GLN C 6 -17.59 2.12 6.16
CA GLN C 6 -17.85 1.33 7.35
C GLN C 6 -18.98 1.96 8.13
N SER C 7 -19.87 1.12 8.65
CA SER C 7 -20.93 1.60 9.56
C SER C 7 -21.11 0.57 10.67
N PRO C 8 -21.33 1.04 11.91
CA PRO C 8 -21.28 2.46 12.32
C PRO C 8 -19.85 2.95 12.47
N LEU C 9 -19.68 4.27 12.68
CA LEU C 9 -18.38 4.83 13.06
C LEU C 9 -17.91 4.29 14.40
N SER C 10 -18.82 4.21 15.38
CA SER C 10 -18.52 3.69 16.70
C SER C 10 -19.63 2.75 17.14
N LEU C 11 -19.24 1.71 17.88
CA LEU C 11 -20.15 0.61 18.23
C LEU C 11 -19.99 0.35 19.72
N PRO C 12 -20.77 1.04 20.57
CA PRO C 12 -20.77 0.72 21.98
C PRO C 12 -21.41 -0.67 22.12
N VAL C 13 -20.77 -1.54 22.89
CA VAL C 13 -21.27 -2.93 23.03
C VAL C 13 -20.97 -3.43 24.45
N SER C 14 -21.94 -4.09 25.06
CA SER C 14 -21.77 -4.63 26.43
C SER C 14 -21.04 -5.96 26.37
N LEU C 15 -20.22 -6.24 27.37
CA LEU C 15 -19.50 -7.51 27.42
C LEU C 15 -20.48 -8.66 27.28
N GLY C 16 -20.13 -9.64 26.46
CA GLY C 16 -20.98 -10.76 26.24
C GLY C 16 -21.91 -10.64 25.04
N ASP C 17 -22.32 -9.42 24.68
CA ASP C 17 -23.24 -9.23 23.57
C ASP C 17 -22.53 -9.44 22.23
N GLN C 18 -23.33 -9.58 21.19
CA GLN C 18 -22.80 -9.67 19.83
C GLN C 18 -22.59 -8.28 19.24
N ALA C 19 -21.67 -8.18 18.28
CA ALA C 19 -21.46 -6.94 17.56
C ALA C 19 -21.36 -7.24 16.07
N SER C 20 -21.87 -6.33 15.25
CA SER C 20 -21.79 -6.45 13.80
C SER C 20 -21.31 -5.14 13.20
N ILE C 21 -20.35 -5.23 12.30
CA ILE C 21 -19.81 -4.06 11.63
C ILE C 21 -20.00 -4.26 10.15
N SER C 22 -20.46 -3.22 9.48
CA SER C 22 -20.75 -3.28 8.07
C SER C 22 -19.64 -2.61 7.26
N CYS C 23 -19.34 -3.17 6.09
CA CYS C 23 -18.42 -2.53 5.16
C CYS C 23 -19.05 -2.59 3.79
N ARG C 24 -19.29 -1.43 3.18
CA ARG C 24 -19.87 -1.33 1.84
C ARG C 24 -18.80 -0.89 0.86
N SER C 25 -18.75 -1.57 -0.27
CA SER C 25 -17.78 -1.27 -1.32
C SER C 25 -18.43 -0.46 -2.45
N SER C 26 -17.70 0.53 -2.95
CA SER C 26 -18.19 1.36 -4.05
C SER C 26 -18.11 0.66 -5.39
N GLN C 27 -17.53 -0.54 -5.46
CA GLN C 27 -17.51 -1.38 -6.64
C GLN C 27 -17.40 -2.81 -6.16
N SER C 28 -17.86 -3.76 -6.96
CA SER C 28 -17.72 -5.16 -6.58
C SER C 28 -16.25 -5.49 -6.31
N LEU C 29 -16.02 -6.27 -5.25
CA LEU C 29 -14.70 -6.77 -4.90
C LEU C 29 -14.47 -8.20 -5.41
N LEU C 30 -15.36 -8.70 -6.24
CA LEU C 30 -15.14 -10.00 -6.87
C LEU C 30 -14.03 -9.85 -7.89
N HIS C 31 -12.96 -10.62 -7.73
CA HIS C 31 -11.85 -10.60 -8.68
C HIS C 31 -12.17 -11.50 -9.86
N SER C 32 -11.56 -11.21 -11.02
CA SER C 32 -11.80 -12.02 -12.21
C SER C 32 -11.30 -13.44 -12.04
N ASN C 33 -10.47 -13.73 -11.02
CA ASN C 33 -10.04 -15.09 -10.75
C ASN C 33 -11.00 -15.84 -9.83
N GLY C 34 -12.11 -15.21 -9.43
CA GLY C 34 -13.13 -15.88 -8.64
C GLY C 34 -13.08 -15.59 -7.16
N ASN C 35 -11.99 -15.01 -6.66
CA ASN C 35 -11.90 -14.67 -5.25
C ASN C 35 -12.35 -13.23 -5.01
N THR C 36 -12.65 -12.95 -3.74
CA THR C 36 -13.13 -11.65 -3.29
C THR C 36 -12.20 -11.21 -2.16
N TYR C 37 -11.38 -10.20 -2.43
CA TYR C 37 -10.29 -9.79 -1.55
C TYR C 37 -10.75 -8.67 -0.63
N LEU C 38 -11.68 -9.03 0.27
CA LEU C 38 -12.14 -8.17 1.33
C LEU C 38 -11.71 -8.76 2.67
N HIS C 39 -11.03 -7.96 3.49
CA HIS C 39 -10.38 -8.45 4.71
C HIS C 39 -10.69 -7.53 5.88
N TRP C 40 -10.59 -8.11 7.07
CA TRP C 40 -10.94 -7.42 8.30
C TRP C 40 -9.76 -7.42 9.27
N TYR C 41 -9.47 -6.25 9.84
CA TYR C 41 -8.36 -6.08 10.77
C TYR C 41 -8.85 -5.44 12.06
N LEU C 42 -8.16 -5.78 13.14
CA LEU C 42 -8.33 -5.14 14.45
C LEU C 42 -7.02 -4.44 14.82
N GLN C 43 -7.14 -3.20 15.28
CA GLN C 43 -6.00 -2.46 15.83
C GLN C 43 -6.35 -2.06 17.26
N LYS C 44 -5.80 -2.81 18.22
CA LYS C 44 -5.90 -2.47 19.61
C LYS C 44 -5.09 -1.21 19.89
N PRO C 45 -5.47 -0.43 20.90
CA PRO C 45 -4.82 0.87 21.12
C PRO C 45 -3.33 0.70 21.41
N GLY C 46 -2.52 1.46 20.68
CA GLY C 46 -1.09 1.37 20.84
C GLY C 46 -0.43 0.16 20.22
N GLN C 47 -1.11 -0.64 19.40
CA GLN C 47 -0.45 -1.74 18.71
C GLN C 47 -0.60 -1.61 17.20
N SER C 48 0.14 -2.45 16.49
CA SER C 48 0.02 -2.50 15.04
C SER C 48 -1.19 -3.36 14.67
N PRO C 49 -1.74 -3.20 13.47
CA PRO C 49 -2.96 -3.95 13.13
C PRO C 49 -2.73 -5.46 13.12
N LYS C 50 -3.81 -6.19 13.39
CA LYS C 50 -3.87 -7.65 13.31
C LYS C 50 -4.95 -8.07 12.31
N LEU C 51 -4.63 -9.03 11.46
CA LEU C 51 -5.64 -9.59 10.56
C LEU C 51 -6.61 -10.48 11.33
N LEU C 52 -7.90 -10.30 11.10
CA LEU C 52 -8.89 -11.19 11.66
C LEU C 52 -9.45 -12.16 10.63
N ILE C 53 -9.84 -11.63 9.48
CA ILE C 53 -10.52 -12.39 8.43
C ILE C 53 -9.94 -11.95 7.10
N TYR C 54 -9.60 -12.91 6.26
CA TYR C 54 -9.19 -12.60 4.90
C TYR C 54 -10.15 -13.29 3.93
N LYS C 55 -10.23 -12.72 2.73
CA LYS C 55 -11.20 -13.10 1.69
C LYS C 55 -12.59 -13.42 2.24
N VAL C 56 -13.19 -12.39 2.86
CA VAL C 56 -14.60 -12.32 3.25
C VAL C 56 -14.87 -13.08 4.54
N SER C 57 -14.56 -14.38 4.56
CA SER C 57 -15.01 -15.24 5.64
C SER C 57 -13.94 -16.17 6.20
N ASN C 58 -12.72 -16.15 5.68
CA ASN C 58 -11.65 -17.03 6.16
C ASN C 58 -11.04 -16.45 7.43
N ARG C 59 -11.16 -17.18 8.53
CA ARG C 59 -10.55 -16.74 9.79
C ARG C 59 -9.05 -17.03 9.79
N PHE C 60 -8.25 -16.00 10.03
CA PHE C 60 -6.78 -16.15 10.07
C PHE C 60 -6.40 -17.10 11.21
N SER C 61 -5.32 -17.84 11.01
CA SER C 61 -4.85 -18.79 12.05
C SER C 61 -4.60 -18.07 13.38
N GLY C 62 -5.09 -18.66 14.46
CA GLY C 62 -4.90 -18.07 15.81
C GLY C 62 -6.03 -17.13 16.20
N VAL C 63 -6.90 -16.79 15.26
CA VAL C 63 -7.92 -15.79 15.59
C VAL C 63 -9.09 -16.48 16.30
N PRO C 64 -9.54 -15.94 17.41
CA PRO C 64 -10.66 -16.58 18.14
C PRO C 64 -11.92 -16.71 17.28
N ASP C 65 -12.57 -17.86 17.41
CA ASP C 65 -13.74 -18.15 16.58
C ASP C 65 -14.95 -17.26 16.89
N ARG C 66 -14.90 -16.42 17.91
CA ARG C 66 -15.99 -15.45 18.05
C ARG C 66 -16.02 -14.44 16.90
N PHE C 67 -14.99 -14.39 16.05
CA PHE C 67 -14.92 -13.48 14.91
C PHE C 67 -15.37 -14.20 13.65
N SER C 68 -16.24 -13.57 12.87
CA SER C 68 -16.60 -14.15 11.60
C SER C 68 -16.94 -13.06 10.60
N GLY C 69 -16.86 -13.42 9.33
CA GLY C 69 -17.22 -12.50 8.26
C GLY C 69 -18.05 -13.19 7.21
N SER C 70 -18.84 -12.38 6.52
CA SER C 70 -19.71 -12.86 5.45
C SER C 70 -19.96 -11.72 4.48
N GLY C 71 -20.51 -12.07 3.32
CA GLY C 71 -20.95 -11.11 2.33
C GLY C 71 -20.50 -11.52 0.95
N SER C 72 -20.70 -10.61 -0.02
CA SER C 72 -20.24 -10.80 -1.39
C SER C 72 -20.46 -9.49 -2.14
N GLY C 73 -19.82 -9.40 -3.31
CA GLY C 73 -19.95 -8.23 -4.16
C GLY C 73 -19.50 -6.96 -3.49
N THR C 74 -20.45 -6.15 -3.03
CA THR C 74 -20.16 -4.86 -2.44
C THR C 74 -20.56 -4.74 -0.98
N ASP C 75 -21.11 -5.80 -0.36
CA ASP C 75 -21.61 -5.70 1.01
C ASP C 75 -21.03 -6.81 1.90
N PHE C 76 -20.50 -6.42 3.05
CA PHE C 76 -19.71 -7.35 3.85
C PHE C 76 -19.91 -7.03 5.32
N THR C 77 -19.91 -8.07 6.17
CA THR C 77 -20.14 -7.85 7.59
C THR C 77 -19.14 -8.65 8.43
N LEU C 78 -18.66 -8.03 9.50
CA LEU C 78 -17.84 -8.70 10.51
C LEU C 78 -18.68 -8.84 11.78
N LYS C 79 -18.80 -10.08 12.28
CA LYS C 79 -19.56 -10.38 13.48
C LYS C 79 -18.62 -10.79 14.61
N ILE C 80 -18.80 -10.17 15.77
CA ILE C 80 -18.18 -10.65 16.99
C ILE C 80 -19.31 -11.29 17.79
N SER C 81 -19.30 -12.62 17.83
CA SER C 81 -20.41 -13.35 18.44
C SER C 81 -20.58 -12.99 19.91
N ARG C 82 -19.47 -12.89 20.66
CA ARG C 82 -19.56 -12.64 22.09
C ARG C 82 -18.38 -11.75 22.48
N VAL C 83 -18.64 -10.45 22.58
CA VAL C 83 -17.55 -9.46 22.77
C VAL C 83 -16.77 -9.66 24.07
N GLU C 84 -15.45 -9.54 23.97
CA GLU C 84 -14.60 -9.64 25.16
C GLU C 84 -13.93 -8.29 25.40
N ALA C 85 -13.51 -8.01 26.63
CA ALA C 85 -12.82 -6.77 26.97
C ALA C 85 -11.62 -6.52 26.07
N GLU C 86 -10.94 -7.60 25.64
CA GLU C 86 -9.77 -7.49 24.77
C GLU C 86 -10.13 -7.00 23.37
N ASP C 87 -11.38 -7.14 22.95
CA ASP C 87 -11.83 -6.77 21.61
C ASP C 87 -11.94 -5.27 21.41
N LEU C 88 -11.60 -4.51 22.44
CA LEU C 88 -11.53 -3.05 22.35
C LEU C 88 -10.56 -2.60 21.25
N GLY C 89 -10.95 -1.59 20.48
CA GLY C 89 -10.07 -0.98 19.50
C GLY C 89 -10.81 -0.61 18.23
N VAL C 90 -10.06 -0.45 17.15
CA VAL C 90 -10.60 0.00 15.87
C VAL C 90 -10.59 -1.14 14.87
N TYR C 91 -11.70 -1.34 14.19
CA TYR C 91 -11.85 -2.40 13.21
C TYR C 91 -11.85 -1.79 11.82
N PHE C 92 -10.98 -2.28 10.94
CA PHE C 92 -10.88 -1.83 9.56
C PHE C 92 -11.21 -2.96 8.63
N CYS C 93 -12.00 -2.65 7.60
CA CYS C 93 -12.06 -3.53 6.45
C CYS C 93 -11.07 -3.01 5.43
N SER C 94 -10.53 -3.90 4.61
CA SER C 94 -9.69 -3.43 3.52
C SER C 94 -9.85 -4.40 2.36
N GLN C 95 -9.63 -3.87 1.15
CA GLN C 95 -9.72 -4.67 -0.06
C GLN C 95 -8.40 -4.64 -0.82
N SER C 96 -8.03 -5.79 -1.39
CA SER C 96 -6.89 -5.90 -2.26
C SER C 96 -7.29 -6.49 -3.61
N THR C 97 -8.57 -6.34 -3.99
CA THR C 97 -8.98 -6.73 -5.33
C THR C 97 -8.42 -5.75 -6.36
N HIS C 98 -8.39 -4.48 -6.01
CA HIS C 98 -8.03 -3.46 -6.97
C HIS C 98 -6.92 -2.60 -6.39
N VAL C 99 -6.01 -2.20 -7.27
CA VAL C 99 -5.01 -1.19 -6.99
C VAL C 99 -5.64 0.19 -7.18
N PRO C 100 -5.49 1.11 -6.24
CA PRO C 100 -4.79 0.97 -4.95
C PRO C 100 -5.58 0.12 -3.98
N TYR C 101 -4.88 -0.66 -3.18
CA TYR C 101 -5.47 -1.27 -2.01
C TYR C 101 -5.94 -0.19 -1.06
N THR C 102 -7.13 -0.39 -0.47
CA THR C 102 -7.75 0.67 0.32
C THR C 102 -8.37 0.10 1.58
N PHE C 103 -8.47 0.96 2.59
CA PHE C 103 -9.09 0.69 3.88
C PHE C 103 -10.34 1.52 4.04
N GLY C 104 -11.31 0.96 4.76
CA GLY C 104 -12.35 1.78 5.33
C GLY C 104 -11.77 2.71 6.38
N GLY C 105 -12.60 3.63 6.85
CA GLY C 105 -12.11 4.55 7.85
C GLY C 105 -12.06 4.02 9.26
N GLY C 106 -12.52 2.79 9.49
CA GLY C 106 -12.45 2.20 10.81
C GLY C 106 -13.69 2.36 11.67
N THR C 107 -14.05 1.31 12.41
CA THR C 107 -15.12 1.35 13.40
C THR C 107 -14.51 1.17 14.78
N LYS C 108 -14.83 2.08 15.69
CA LYS C 108 -14.28 2.09 17.04
C LYS C 108 -15.22 1.27 17.94
N LEU C 109 -14.82 0.05 18.28
CA LEU C 109 -15.60 -0.75 19.21
C LEU C 109 -15.42 -0.22 20.62
N GLU C 110 -16.53 0.15 21.25
CA GLU C 110 -16.54 0.70 22.61
C GLU C 110 -17.29 -0.26 23.56
N ILE C 111 -16.67 -0.58 24.68
CA ILE C 111 -17.28 -1.45 25.68
C ILE C 111 -18.28 -0.63 26.49
N LYS C 112 -19.54 -1.07 26.53
CA LYS C 112 -20.53 -0.40 27.35
C LYS C 112 -20.25 -0.59 28.84
N ARG C 113 -20.59 0.42 29.62
CA ARG C 113 -20.49 0.34 31.07
C ARG C 113 -21.50 1.31 31.66
N THR C 114 -21.71 1.24 32.97
CA THR C 114 -22.68 2.15 33.57
C THR C 114 -22.18 3.58 33.48
N VAL C 115 -23.12 4.52 33.44
CA VAL C 115 -22.76 5.93 33.37
C VAL C 115 -21.89 6.29 34.56
N ALA C 116 -20.80 6.98 34.29
CA ALA C 116 -19.93 7.52 35.33
C ALA C 116 -19.74 9.00 35.06
N ALA C 117 -20.08 9.82 36.04
CA ALA C 117 -19.85 11.25 35.93
C ALA C 117 -18.35 11.52 36.05
N PRO C 118 -17.86 12.58 35.44
CA PRO C 118 -16.44 12.89 35.60
C PRO C 118 -16.17 13.54 36.93
N SER C 119 -15.04 13.19 37.53
CA SER C 119 -14.47 14.01 38.58
C SER C 119 -13.74 15.18 37.93
N VAL C 120 -14.04 16.39 38.35
CA VAL C 120 -13.50 17.59 37.70
C VAL C 120 -12.52 18.28 38.66
N PHE C 121 -11.28 18.38 38.24
CA PHE C 121 -10.19 18.99 38.99
C PHE C 121 -9.58 20.10 38.13
N ILE C 122 -9.11 21.15 38.80
CA ILE C 122 -8.48 22.27 38.12
C ILE C 122 -7.12 22.53 38.76
N PHE C 123 -6.15 22.90 37.92
CA PHE C 123 -4.77 23.10 38.36
C PHE C 123 -4.30 24.47 37.91
N PRO C 124 -4.07 25.41 38.83
CA PRO C 124 -3.48 26.71 38.47
C PRO C 124 -2.10 26.53 37.86
N PRO C 125 -1.59 27.54 37.15
CA PRO C 125 -0.23 27.43 36.61
C PRO C 125 0.76 27.30 37.76
N SER C 126 1.80 26.49 37.54
CA SER C 126 2.87 26.40 38.51
C SER C 126 3.65 27.71 38.53
N ASP C 127 4.38 27.91 39.62
CA ASP C 127 5.24 29.07 39.71
C ASP C 127 6.41 28.95 38.74
N GLU C 128 6.91 27.74 38.53
CA GLU C 128 8.00 27.53 37.56
C GLU C 128 7.61 28.03 36.18
N GLN C 129 6.37 27.76 35.75
CA GLN C 129 5.96 28.17 34.41
C GLN C 129 5.73 29.67 34.35
N LEU C 130 5.14 30.26 35.39
CA LEU C 130 4.87 31.69 35.40
C LEU C 130 6.17 32.50 35.31
N LYS C 131 7.25 32.00 35.90
CA LYS C 131 8.54 32.65 35.75
C LYS C 131 9.00 32.66 34.29
N SER C 132 8.63 31.64 33.52
CA SER C 132 8.97 31.64 32.11
C SER C 132 8.04 32.51 31.26
N GLY C 133 7.08 33.20 31.86
CA GLY C 133 6.25 34.15 31.13
C GLY C 133 4.98 33.60 30.51
N THR C 134 4.54 32.42 30.92
CA THR C 134 3.33 31.82 30.40
C THR C 134 2.58 31.14 31.53
N ALA C 135 1.25 31.13 31.44
CA ALA C 135 0.42 30.46 32.43
C ALA C 135 -0.46 29.46 31.73
N SER C 136 -0.33 28.19 32.06
CA SER C 136 -1.28 27.18 31.63
C SER C 136 -2.17 26.78 32.81
N VAL C 137 -3.48 26.75 32.58
CA VAL C 137 -4.45 26.24 33.55
C VAL C 137 -4.97 24.93 33.01
N VAL C 138 -4.80 23.85 33.79
CA VAL C 138 -5.23 22.51 33.37
C VAL C 138 -6.54 22.15 34.07
N CYS C 139 -7.50 21.66 33.28
CA CYS C 139 -8.77 21.17 33.75
C CYS C 139 -8.87 19.69 33.40
N LEU C 140 -9.19 18.87 34.39
CA LEU C 140 -9.12 17.42 34.25
C LEU C 140 -10.48 16.79 34.53
N LEU C 141 -10.99 16.04 33.56
CA LEU C 141 -12.22 15.26 33.68
C LEU C 141 -11.82 13.82 33.80
N ASN C 142 -11.92 13.26 35.01
CA ASN C 142 -11.36 11.95 35.30
C ASN C 142 -12.43 10.86 35.33
N ASN C 143 -12.18 9.77 34.61
CA ASN C 143 -12.88 8.50 34.80
C ASN C 143 -14.38 8.64 34.56
N PHE C 144 -14.75 9.06 33.34
CA PHE C 144 -16.15 9.27 33.02
C PHE C 144 -16.59 8.37 31.88
N TYR C 145 -17.89 8.10 31.83
CA TYR C 145 -18.51 7.37 30.71
C TYR C 145 -19.97 7.82 30.62
N PRO C 146 -20.55 7.98 29.40
CA PRO C 146 -19.96 7.81 28.04
C PRO C 146 -19.03 8.94 27.69
N ARG C 147 -18.50 8.95 26.46
CA ARG C 147 -17.42 9.88 26.14
C ARG C 147 -17.91 11.30 25.89
N GLU C 148 -19.13 11.47 25.39
CA GLU C 148 -19.61 12.80 25.07
C GLU C 148 -19.51 13.72 26.27
N ALA C 149 -18.76 14.80 26.11
CA ALA C 149 -18.59 15.79 27.16
C ALA C 149 -18.34 17.12 26.50
N LYS C 150 -18.68 18.19 27.19
CA LYS C 150 -18.45 19.56 26.73
C LYS C 150 -17.66 20.28 27.81
N VAL C 151 -16.50 20.82 27.44
CA VAL C 151 -15.66 21.54 28.38
C VAL C 151 -15.39 22.93 27.81
N GLN C 152 -15.66 23.96 28.60
CA GLN C 152 -15.37 25.32 28.18
C GLN C 152 -14.71 26.07 29.32
N TRP C 153 -13.97 27.11 28.94
CA TRP C 153 -13.21 27.94 29.85
C TRP C 153 -13.88 29.30 30.00
N LYS C 154 -13.90 29.81 31.22
CA LYS C 154 -14.37 31.16 31.43
C LYS C 154 -13.40 31.83 32.39
N VAL C 155 -12.90 32.99 31.97
CA VAL C 155 -12.01 33.83 32.76
C VAL C 155 -12.82 35.06 33.16
N ASP C 156 -13.00 35.26 34.46
CA ASP C 156 -13.85 36.33 34.98
C ASP C 156 -15.22 36.33 34.31
N ASN C 157 -15.74 35.13 34.04
CA ASN C 157 -17.06 34.86 33.47
C ASN C 157 -17.13 35.14 31.96
N ALA C 158 -16.01 35.42 31.30
CA ALA C 158 -15.98 35.60 29.85
C ALA C 158 -15.56 34.30 29.18
N LEU C 159 -16.39 33.81 28.27
CA LEU C 159 -16.05 32.60 27.54
C LEU C 159 -14.74 32.79 26.79
N GLN C 160 -13.90 31.76 26.79
CA GLN C 160 -12.61 31.72 26.13
C GLN C 160 -12.69 30.91 24.85
N SER C 161 -12.10 31.42 23.79
CA SER C 161 -11.89 30.62 22.59
C SER C 161 -10.52 30.96 22.02
N GLY C 162 -9.93 29.98 21.35
CA GLY C 162 -8.65 30.16 20.69
C GLY C 162 -7.42 30.06 21.57
N ASN C 163 -7.57 29.64 22.83
CA ASN C 163 -6.42 29.62 23.72
C ASN C 163 -6.40 28.34 24.56
N SER C 164 -7.17 27.33 24.19
CA SER C 164 -7.24 26.08 24.91
C SER C 164 -7.11 24.93 23.93
N GLN C 165 -6.60 23.81 24.42
CA GLN C 165 -6.57 22.59 23.65
C GLN C 165 -6.94 21.44 24.57
N GLU C 166 -7.41 20.36 23.96
CA GLU C 166 -7.96 19.27 24.75
C GLU C 166 -7.44 17.95 24.20
N SER C 167 -7.44 16.94 25.06
CA SER C 167 -6.90 15.63 24.73
C SER C 167 -7.69 14.59 25.50
N VAL C 168 -7.98 13.47 24.85
CA VAL C 168 -8.77 12.42 25.46
C VAL C 168 -7.99 11.12 25.40
N THR C 169 -8.00 10.37 26.50
CA THR C 169 -7.42 9.05 26.52
C THR C 169 -8.29 8.10 25.72
N GLU C 170 -7.68 7.01 25.27
CA GLU C 170 -8.46 5.88 24.79
C GLU C 170 -9.31 5.34 25.94
N GLN C 171 -10.29 4.51 25.59
CA GLN C 171 -11.12 3.91 26.61
C GLN C 171 -10.29 2.98 27.49
N ASP C 172 -10.34 3.18 28.80
CA ASP C 172 -9.51 2.38 29.71
C ASP C 172 -9.87 0.90 29.61
N SER C 173 -8.84 0.07 29.55
CA SER C 173 -9.06 -1.37 29.41
C SER C 173 -9.61 -2.01 30.68
N LYS C 174 -9.42 -1.41 31.86
CA LYS C 174 -9.91 -2.06 33.07
C LYS C 174 -11.32 -1.60 33.45
N ASP C 175 -11.57 -0.28 33.51
CA ASP C 175 -12.85 0.23 33.99
C ASP C 175 -13.70 0.91 32.93
N SER C 176 -13.24 0.92 31.67
CA SER C 176 -14.02 1.33 30.51
C SER C 176 -14.35 2.81 30.51
N THR C 177 -13.68 3.60 31.32
CA THR C 177 -13.94 5.03 31.34
C THR C 177 -12.98 5.79 30.43
N TYR C 178 -13.24 7.09 30.32
CA TYR C 178 -12.44 8.04 29.58
C TYR C 178 -11.93 9.10 30.53
N SER C 179 -10.80 9.69 30.19
CA SER C 179 -10.38 10.89 30.89
C SER C 179 -10.06 11.94 29.85
N LEU C 180 -10.10 13.19 30.28
CA LEU C 180 -9.92 14.29 29.35
C LEU C 180 -9.21 15.40 30.07
N SER C 181 -8.18 15.95 29.45
CA SER C 181 -7.55 17.16 29.94
C SER C 181 -7.86 18.29 28.98
N SER C 182 -8.09 19.47 29.53
CA SER C 182 -8.19 20.69 28.76
C SER C 182 -7.23 21.71 29.35
N THR C 183 -6.38 22.31 28.51
CA THR C 183 -5.33 23.24 28.92
C THR C 183 -5.59 24.62 28.33
N LEU C 184 -5.88 25.59 29.19
CA LEU C 184 -5.97 26.99 28.80
C LEU C 184 -4.61 27.65 28.95
N THR C 185 -4.14 28.35 27.93
CA THR C 185 -2.82 28.97 27.98
C THR C 185 -2.94 30.47 27.78
N LEU C 186 -2.57 31.22 28.80
CA LEU C 186 -2.53 32.67 28.73
C LEU C 186 -1.08 33.12 28.80
N SER C 187 -0.83 34.31 28.27
CA SER C 187 0.43 34.94 28.62
C SER C 187 0.39 35.23 30.11
N LYS C 188 1.57 35.29 30.74
CA LYS C 188 1.59 35.63 32.15
C LYS C 188 0.88 36.96 32.40
N ALA C 189 1.16 37.95 31.56
CA ALA C 189 0.52 39.25 31.66
C ALA C 189 -1.00 39.12 31.64
N ASP C 190 -1.54 38.48 30.60
CA ASP C 190 -2.98 38.24 30.54
C ASP C 190 -3.48 37.49 31.77
N TYR C 191 -2.66 36.58 32.30
CA TYR C 191 -3.07 35.82 33.48
C TYR C 191 -3.18 36.69 34.71
N GLU C 192 -2.30 37.69 34.84
CA GLU C 192 -2.31 38.57 35.99
C GLU C 192 -3.33 39.71 35.87
N LYS C 193 -4.08 39.80 34.77
CA LYS C 193 -5.15 40.78 34.63
C LYS C 193 -6.52 40.22 35.00
N HIS C 194 -6.59 39.01 35.55
CA HIS C 194 -7.88 38.42 35.88
C HIS C 194 -7.80 37.63 37.18
N LYS C 195 -8.96 37.33 37.74
CA LYS C 195 -9.04 36.73 39.07
C LYS C 195 -9.65 35.33 39.02
N VAL C 196 -10.87 35.18 38.51
CA VAL C 196 -11.59 33.91 38.54
C VAL C 196 -11.22 33.12 37.29
N TYR C 197 -10.72 31.90 37.48
CA TYR C 197 -10.44 30.96 36.40
C TYR C 197 -11.29 29.73 36.59
N ALA C 198 -12.12 29.42 35.60
CA ALA C 198 -13.17 28.44 35.77
C ALA C 198 -13.27 27.54 34.56
N CYS C 199 -13.58 26.30 34.84
CA CYS C 199 -13.76 25.23 33.87
C CYS C 199 -15.19 24.73 34.00
N GLU C 200 -15.98 24.82 32.91
CA GLU C 200 -17.37 24.40 32.96
C GLU C 200 -17.55 23.10 32.20
N VAL C 201 -18.14 22.11 32.85
CA VAL C 201 -18.19 20.75 32.35
C VAL C 201 -19.66 20.32 32.26
N THR C 202 -20.06 19.87 31.07
CA THR C 202 -21.36 19.26 30.87
C THR C 202 -21.17 17.78 30.56
N HIS C 203 -21.83 16.92 31.31
CA HIS C 203 -21.80 15.49 31.03
C HIS C 203 -23.10 14.90 31.52
N GLN C 204 -23.63 13.89 30.81
CA GLN C 204 -24.96 13.37 31.18
C GLN C 204 -24.99 12.73 32.56
N GLY C 205 -23.83 12.45 33.15
CA GLY C 205 -23.79 11.91 34.50
C GLY C 205 -23.88 12.95 35.59
N LEU C 206 -23.83 14.23 35.23
CA LEU C 206 -23.99 15.31 36.18
C LEU C 206 -25.40 15.86 36.13
N SER C 207 -26.02 16.03 37.31
CA SER C 207 -27.34 16.64 37.40
C SER C 207 -27.39 18.03 36.76
N SER C 208 -26.26 18.66 36.51
CA SER C 208 -26.22 19.99 35.91
C SER C 208 -24.76 20.34 35.61
N PRO C 209 -24.51 21.30 34.72
CA PRO C 209 -23.11 21.61 34.36
C PRO C 209 -22.32 22.08 35.58
N VAL C 210 -21.11 21.57 35.71
CA VAL C 210 -20.28 21.81 36.88
C VAL C 210 -19.22 22.83 36.52
N THR C 211 -19.06 23.82 37.38
CA THR C 211 -18.07 24.86 37.19
C THR C 211 -17.03 24.70 38.29
N LYS C 212 -15.85 24.22 37.93
CA LYS C 212 -14.72 24.12 38.84
C LYS C 212 -13.83 25.34 38.61
N SER C 213 -13.57 26.11 39.67
CA SER C 213 -12.87 27.37 39.48
C SER C 213 -11.93 27.63 40.64
N PHE C 214 -11.01 28.57 40.43
CA PHE C 214 -10.18 29.10 41.50
C PHE C 214 -10.00 30.60 41.28
N ASN C 215 -9.66 31.31 42.35
CA ASN C 215 -9.31 32.72 42.29
C ASN C 215 -7.79 32.81 42.28
N ARG C 216 -7.24 33.64 41.40
CA ARG C 216 -5.82 33.55 41.07
C ARG C 216 -4.94 33.63 42.31
N GLY C 217 -5.04 34.74 43.05
CA GLY C 217 -4.10 34.96 44.15
C GLY C 217 -4.20 33.99 45.31
N GLU C 218 -5.20 33.11 45.34
CA GLU C 218 -5.43 32.22 46.47
C GLU C 218 -4.97 30.79 46.16
MN MN D . 4.29 -10.87 -38.14
#